data_3QRN
# 
_entry.id   3QRN 
# 
_audit_conform.dict_name       mmcif_pdbx.dic 
_audit_conform.dict_version    5.380 
_audit_conform.dict_location   http://mmcif.pdb.org/dictionaries/ascii/mmcif_pdbx.dic 
# 
loop_
_database_2.database_id 
_database_2.database_code 
_database_2.pdbx_database_accession 
_database_2.pdbx_DOI 
PDB   3QRN         pdb_00003qrn 10.2210/pdb3qrn/pdb 
NDB   NA0984       ?            ?                   
RCSB  RCSB064016   ?            ?                   
WWPDB D_1000064016 ?            ?                   
# 
_pdbx_database_related.db_name        PDB 
_pdbx_database_related.db_id          3QF8 
_pdbx_database_related.details        'Medium resolution structure' 
_pdbx_database_related.content_type   unspecified 
# 
_pdbx_database_status.status_code                     REL 
_pdbx_database_status.entry_id                        3QRN 
_pdbx_database_status.recvd_initial_deposition_date   2011-02-18 
_pdbx_database_status.deposit_site                    RCSB 
_pdbx_database_status.process_site                    PDBJ 
_pdbx_database_status.status_code_sf                  REL 
_pdbx_database_status.status_code_mr                  ? 
_pdbx_database_status.SG_entry                        ? 
_pdbx_database_status.status_code_cs                  ? 
_pdbx_database_status.pdb_format_compatible           Y 
_pdbx_database_status.status_code_nmr_data            ? 
_pdbx_database_status.methods_development_category    ? 
# 
loop_
_audit_author.name 
_audit_author.pdbx_ordinal 
'Cardin, C.J.' 1 
'Hall, J.P.'   2 
# 
_citation.id                        primary 
_citation.title                     
;Structure determination of an intercalating ruthenium dipyridophenazine complex which kinks DNA by semiintercalation of a tetraazaphenanthrene ligand.
;
_citation.journal_abbrev            Proc.Natl.Acad.Sci.USA 
_citation.journal_volume            108 
_citation.page_first                17610 
_citation.page_last                 17614 
_citation.year                      2011 
_citation.journal_id_ASTM           PNASA6 
_citation.country                   US 
_citation.journal_id_ISSN           0027-8424 
_citation.journal_id_CSD            0040 
_citation.book_publisher            ? 
_citation.pdbx_database_id_PubMed   21969542 
_citation.pdbx_database_id_DOI      10.1073/pnas.1108685108 
# 
loop_
_citation_author.citation_id 
_citation_author.name 
_citation_author.ordinal 
_citation_author.identifier_ORCID 
primary 'Hall, J.P.'     1 ? 
primary 
;O'Sullivan, K.
;
2 ? 
primary 'Naseer, A.'     3 ? 
primary 'Smith, J.A.'    4 ? 
primary 'Kelly, J.M.'    5 ? 
primary 'Cardin, C.J.'   6 ? 
# 
_cell.entry_id           3QRN 
_cell.length_a           42.320 
_cell.length_b           42.320 
_cell.length_c           39.870 
_cell.angle_alpha        90.00 
_cell.angle_beta         90.00 
_cell.angle_gamma        90.00 
_cell.Z_PDB              8 
_cell.pdbx_unique_axis   ? 
_cell.length_a_esd       ? 
_cell.length_b_esd       ? 
_cell.length_c_esd       ? 
_cell.angle_alpha_esd    ? 
_cell.angle_beta_esd     ? 
_cell.angle_gamma_esd    ? 
# 
_symmetry.entry_id                         3QRN 
_symmetry.space_group_name_H-M             'P 43 21 2' 
_symmetry.pdbx_full_space_group_name_H-M   ? 
_symmetry.cell_setting                     ? 
_symmetry.Int_Tables_number                96 
_symmetry.space_group_name_Hall            ? 
# 
loop_
_entity.id 
_entity.type 
_entity.src_method 
_entity.pdbx_description 
_entity.formula_weight 
_entity.pdbx_number_of_molecules 
_entity.pdbx_ec 
_entity.pdbx_mutation 
_entity.pdbx_fragment 
_entity.details 
1 polymer     syn "5'-D(*TP*CP*GP*GP*CP*GP*CP*CP*GP*A)-3'" 3045.992 1  ? ? ? ? 
2 non-polymer syn 'Ru(tap)2(dppz) complex'                 747.732  1  ? ? ? ? 
3 non-polymer syn 'BARIUM ION'                             137.327  1  ? ? ? ? 
4 water       nat water                                    18.015   64 ? ? ? ? 
# 
_entity_poly.entity_id                      1 
_entity_poly.type                           polydeoxyribonucleotide 
_entity_poly.nstd_linkage                   no 
_entity_poly.nstd_monomer                   no 
_entity_poly.pdbx_seq_one_letter_code       '(DT)(DC)(DG)(DG)(DC)(DG)(DC)(DC)(DG)(DA)' 
_entity_poly.pdbx_seq_one_letter_code_can   TCGGCGCCGA 
_entity_poly.pdbx_strand_id                 A 
_entity_poly.pdbx_target_identifier         ? 
# 
loop_
_entity_poly_seq.entity_id 
_entity_poly_seq.num 
_entity_poly_seq.mon_id 
_entity_poly_seq.hetero 
1 1  DT n 
1 2  DC n 
1 3  DG n 
1 4  DG n 
1 5  DC n 
1 6  DG n 
1 7  DC n 
1 8  DC n 
1 9  DG n 
1 10 DA n 
# 
_struct_ref.id                         1 
_struct_ref.db_name                    PDB 
_struct_ref.db_code                    3QRN 
_struct_ref.pdbx_db_accession          3QRN 
_struct_ref.entity_id                  1 
_struct_ref.pdbx_align_begin           ? 
_struct_ref.pdbx_seq_one_letter_code   ? 
_struct_ref.pdbx_db_isoform            ? 
# 
_struct_ref_seq.align_id                      1 
_struct_ref_seq.ref_id                        1 
_struct_ref_seq.pdbx_PDB_id_code              3QRN 
_struct_ref_seq.pdbx_strand_id                A 
_struct_ref_seq.seq_align_beg                 1 
_struct_ref_seq.pdbx_seq_align_beg_ins_code   ? 
_struct_ref_seq.seq_align_end                 10 
_struct_ref_seq.pdbx_seq_align_end_ins_code   ? 
_struct_ref_seq.pdbx_db_accession             3QRN 
_struct_ref_seq.db_align_beg                  1 
_struct_ref_seq.pdbx_db_align_beg_ins_code    ? 
_struct_ref_seq.db_align_end                  10 
_struct_ref_seq.pdbx_db_align_end_ins_code    ? 
_struct_ref_seq.pdbx_auth_seq_align_beg       1 
_struct_ref_seq.pdbx_auth_seq_align_end       10 
# 
loop_
_chem_comp.id 
_chem_comp.type 
_chem_comp.mon_nstd_flag 
_chem_comp.name 
_chem_comp.pdbx_synonyms 
_chem_comp.formula 
_chem_comp.formula_weight 
BA  non-polymer   . 'BARIUM ION'                         ? 'Ba 2'             137.327 
DA  'DNA linking' y "2'-DEOXYADENOSINE-5'-MONOPHOSPHATE" ? 'C10 H14 N5 O6 P'  331.222 
DC  'DNA linking' y "2'-DEOXYCYTIDINE-5'-MONOPHOSPHATE"  ? 'C9 H14 N3 O7 P'   307.197 
DG  'DNA linking' y "2'-DEOXYGUANOSINE-5'-MONOPHOSPHATE" ? 'C10 H14 N5 O7 P'  347.221 
DT  'DNA linking' y "THYMIDINE-5'-MONOPHOSPHATE"         ? 'C10 H15 N2 O8 P'  322.208 
HOH non-polymer   . WATER                                ? 'H2 O'             18.015  
RKL non-polymer   . 'Ru(tap)2(dppz) complex'             ? 'C38 H22 N12 Ru 2' 747.732 
# 
_exptl.entry_id          3QRN 
_exptl.method            'X-RAY DIFFRACTION' 
_exptl.crystals_number   1 
# 
_exptl_crystal.id                    1 
_exptl_crystal.density_meas          ? 
_exptl_crystal.density_Matthews      2.93 
_exptl_crystal.density_percent_sol   58.03 
_exptl_crystal.description           ? 
_exptl_crystal.F_000                 ? 
_exptl_crystal.preparation           ? 
# 
_exptl_crystal_grow.crystal_id      1 
_exptl_crystal_grow.method          'VAPOR DIFFUSION, SITTING DROP' 
_exptl_crystal_grow.temp            276 
_exptl_crystal_grow.temp_details    ? 
_exptl_crystal_grow.pH              7 
_exptl_crystal_grow.pdbx_details    
;10%(v/v) 2-methyl-2,4-pentanediol, 40mM sodium cacodylate, 12mM spermine tetra-HCl, 80mM sodium chloride, 20mM barium chloride, 1mM DNA d(TCGGCGCCGA), 1mM lambda-[Ru(tap)2dppz)Cl2, pH 7, VAPOR DIFFUSION, SITTING DROP, temperature 276K
;
_exptl_crystal_grow.pdbx_pH_range   . 
# 
_diffrn.id                     1 
_diffrn.ambient_temp           100 
_diffrn.ambient_temp_details   ? 
_diffrn.crystal_id             1 
# 
_diffrn_detector.diffrn_id              1 
_diffrn_detector.detector               CCD 
_diffrn_detector.type                   'ADSC QUANTUM 315r' 
_diffrn_detector.pdbx_collection_date   2011-02-16 
_diffrn_detector.details                ? 
# 
_diffrn_radiation.diffrn_id                        1 
_diffrn_radiation.wavelength_id                    1 
_diffrn_radiation.pdbx_monochromatic_or_laue_m_l   M 
_diffrn_radiation.monochromator                    'Si(111) double crystal' 
_diffrn_radiation.pdbx_diffrn_protocol             'SINGLE WAVELENGTH' 
_diffrn_radiation.pdbx_scattering_type             x-ray 
# 
_diffrn_radiation_wavelength.id           1 
_diffrn_radiation_wavelength.wavelength   0.9795 
_diffrn_radiation_wavelength.wt           1.0 
# 
_diffrn_source.diffrn_id                   1 
_diffrn_source.source                      SYNCHROTRON 
_diffrn_source.type                        'DIAMOND BEAMLINE I02' 
_diffrn_source.pdbx_synchrotron_site       Diamond 
_diffrn_source.pdbx_synchrotron_beamline   I02 
_diffrn_source.pdbx_wavelength             ? 
_diffrn_source.pdbx_wavelength_list        0.9795 
# 
_reflns.entry_id                     3QRN 
_reflns.observed_criterion_sigma_I   3.0 
_reflns.observed_criterion_sigma_F   ? 
_reflns.d_resolution_low             21.16 
_reflns.d_resolution_high            1.100 
_reflns.number_obs                   14312 
_reflns.number_all                   15135 
_reflns.percent_possible_obs         88.14 
_reflns.pdbx_Rmerge_I_obs            0.066 
_reflns.pdbx_Rsym_value              ? 
_reflns.pdbx_netI_over_sigmaI        ? 
_reflns.B_iso_Wilson_estimate        ? 
_reflns.pdbx_redundancy              ? 
_reflns.R_free_details               ? 
_reflns.limit_h_max                  ? 
_reflns.limit_h_min                  ? 
_reflns.limit_k_max                  ? 
_reflns.limit_k_min                  ? 
_reflns.limit_l_max                  ? 
_reflns.limit_l_min                  ? 
_reflns.observed_criterion_F_max     ? 
_reflns.observed_criterion_F_min     ? 
_reflns.pdbx_chi_squared             ? 
_reflns.pdbx_scaling_rejects         ? 
_reflns.pdbx_ordinal                 1 
_reflns.pdbx_diffrn_id               1 
# 
_reflns_shell.d_res_high                  1.10 
_reflns_shell.d_res_low                   1.16 
_reflns_shell.percent_possible_all        100 
_reflns_shell.Rmerge_I_obs                0.452 
_reflns_shell.pdbx_Rsym_value             ? 
_reflns_shell.meanI_over_sigI_obs         6.1 
_reflns_shell.pdbx_redundancy             16.0 
_reflns_shell.percent_possible_obs        ? 
_reflns_shell.number_unique_all           2160 
_reflns_shell.number_measured_all         ? 
_reflns_shell.number_measured_obs         ? 
_reflns_shell.number_unique_obs           ? 
_reflns_shell.pdbx_chi_squared            ? 
_reflns_shell.pdbx_rejects                ? 
_reflns_shell.pdbx_netI_over_sigmaI_obs   ? 
_reflns_shell.number_possible             ? 
_reflns_shell.Rmerge_F_all                ? 
_reflns_shell.Rmerge_F_obs                ? 
_reflns_shell.Rmerge_I_all                ? 
_reflns_shell.meanI_over_sigI_all         ? 
_reflns_shell.pdbx_Rrim_I_all             ? 
_reflns_shell.pdbx_Rpim_I_all             ? 
_reflns_shell.pdbx_ordinal                1 
_reflns_shell.pdbx_diffrn_id              1 
# 
_refine.entry_id                                 3QRN 
_refine.ls_number_reflns_obs                     13340 
_refine.ls_number_reflns_all                     14402 
_refine.pdbx_ls_sigma_I                          ? 
_refine.pdbx_ls_sigma_F                          ? 
_refine.pdbx_data_cutoff_high_absF               ? 
_refine.pdbx_data_cutoff_low_absF                ? 
_refine.pdbx_data_cutoff_high_rms_absF           ? 
_refine.ls_d_res_low                             18.93 
_refine.ls_d_res_high                            1.10 
_refine.ls_percent_reflns_obs                    99.37 
_refine.ls_R_factor_obs                          0.10755 
_refine.ls_R_factor_all                          ? 
_refine.ls_R_factor_R_work                       0.10671 
_refine.ls_R_factor_R_free                       0.12445 
_refine.ls_R_factor_R_free_error                 ? 
_refine.ls_R_factor_R_free_error_details         ? 
_refine.ls_percent_reflns_R_free                 5.0 
_refine.ls_number_reflns_R_free                  761 
_refine.ls_number_parameters                     ? 
_refine.ls_number_restraints                     ? 
_refine.occupancy_min                            ? 
_refine.occupancy_max                            ? 
_refine.correlation_coeff_Fo_to_Fc               0.982 
_refine.correlation_coeff_Fo_to_Fc_free          0.978 
_refine.B_iso_mean                               ? 
_refine.aniso_B[1][1]                            ? 
_refine.aniso_B[2][2]                            ? 
_refine.aniso_B[3][3]                            ? 
_refine.aniso_B[1][2]                            ? 
_refine.aniso_B[1][3]                            ? 
_refine.aniso_B[2][3]                            ? 
_refine.solvent_model_details                    MASK 
_refine.solvent_model_param_ksol                 ? 
_refine.solvent_model_param_bsol                 ? 
_refine.pdbx_solvent_vdw_probe_radii             1.40 
_refine.pdbx_solvent_ion_probe_radii             0.80 
_refine.pdbx_solvent_shrinkage_radii             0.80 
_refine.pdbx_ls_cross_valid_method               THROUGHOUT 
_refine.details                                  ? 
_refine.pdbx_starting_model                      3QF8 
_refine.pdbx_method_to_determine_struct          'MOLECULAR REPLACEMENT' 
_refine.pdbx_isotropic_thermal_model             ? 
_refine.pdbx_stereochemistry_target_values       'MAXIMUM LIKELIHOOD' 
_refine.pdbx_stereochem_target_val_spec_case     ? 
_refine.pdbx_R_Free_selection_details            RANDOM 
_refine.pdbx_overall_ESU_R_Free                  0.021 
_refine.overall_SU_ML                            0.011 
_refine.overall_SU_B                             ? 
_refine.overall_SU_R_Cruickshank_DPI             ? 
_refine.ls_redundancy_reflns_obs                 ? 
_refine.B_iso_min                                ? 
_refine.B_iso_max                                ? 
_refine.overall_SU_R_free                        ? 
_refine.ls_wR_factor_R_free                      ? 
_refine.ls_wR_factor_R_work                      ? 
_refine.overall_FOM_free_R_set                   ? 
_refine.overall_FOM_work_R_set                   ? 
_refine.pdbx_refine_id                           'X-RAY DIFFRACTION' 
_refine.pdbx_overall_phase_error                 ? 
_refine.pdbx_overall_ESU_R                       ? 
_refine.pdbx_diffrn_id                           1 
_refine.pdbx_TLS_residual_ADP_flag               ? 
_refine.pdbx_overall_SU_R_free_Cruickshank_DPI   ? 
_refine.pdbx_overall_SU_R_Blow_DPI               ? 
_refine.pdbx_overall_SU_R_free_Blow_DPI          ? 
# 
_refine_hist.pdbx_refine_id                   'X-RAY DIFFRACTION' 
_refine_hist.cycle_id                         LAST 
_refine_hist.pdbx_number_atoms_protein        0 
_refine_hist.pdbx_number_atoms_nucleic_acid   202 
_refine_hist.pdbx_number_atoms_ligand         52 
_refine_hist.number_atoms_solvent             64 
_refine_hist.number_atoms_total               318 
_refine_hist.d_res_high                       1.10 
_refine_hist.d_res_low                        18.93 
# 
_refine_ls_shell.pdbx_refine_id                   'X-RAY DIFFRACTION' 
_refine_ls_shell.pdbx_total_number_of_bins_used   20 
_refine_ls_shell.d_res_high                       1.102 
_refine_ls_shell.d_res_low                        1.131 
_refine_ls_shell.number_reflns_R_work             1031 
_refine_ls_shell.R_factor_R_work                  0.275 
_refine_ls_shell.percent_reflns_obs               100.00 
_refine_ls_shell.R_factor_R_free                  0.310 
_refine_ls_shell.R_factor_R_free_error            ? 
_refine_ls_shell.percent_reflns_R_free            ? 
_refine_ls_shell.number_reflns_R_free             61 
_refine_ls_shell.number_reflns_all                ? 
_refine_ls_shell.R_factor_all                     ? 
_refine_ls_shell.number_reflns_obs                ? 
_refine_ls_shell.redundancy_reflns_obs            ? 
# 
_struct.entry_id                  3QRN 
_struct.title                     
'X-ray crystal structure of the ruthenium complex [Ru(tap)2(dppz)]2+ bound to d(TCGGCGCCGA)at high resolution' 
_struct.pdbx_model_details        ? 
_struct.pdbx_CASP_flag            ? 
_struct.pdbx_model_type_details   ? 
# 
_struct_keywords.entry_id        3QRN 
_struct_keywords.pdbx_keywords   DNA 
_struct_keywords.text            'intercalation, semi-intercalation, B-DNA, DNA' 
# 
loop_
_struct_asym.id 
_struct_asym.pdbx_blank_PDB_chainid_flag 
_struct_asym.pdbx_modified 
_struct_asym.entity_id 
_struct_asym.details 
A N N 1 ? 
B N N 2 ? 
C N N 3 ? 
D N N 4 ? 
# 
_struct_biol.id        1 
_struct_biol.details   ? 
# 
loop_
_struct_conn.id 
_struct_conn.conn_type_id 
_struct_conn.pdbx_leaving_atom_flag 
_struct_conn.pdbx_PDB_id 
_struct_conn.ptnr1_label_asym_id 
_struct_conn.ptnr1_label_comp_id 
_struct_conn.ptnr1_label_seq_id 
_struct_conn.ptnr1_label_atom_id 
_struct_conn.pdbx_ptnr1_label_alt_id 
_struct_conn.pdbx_ptnr1_PDB_ins_code 
_struct_conn.pdbx_ptnr1_standard_comp_id 
_struct_conn.ptnr1_symmetry 
_struct_conn.ptnr2_label_asym_id 
_struct_conn.ptnr2_label_comp_id 
_struct_conn.ptnr2_label_seq_id 
_struct_conn.ptnr2_label_atom_id 
_struct_conn.pdbx_ptnr2_label_alt_id 
_struct_conn.pdbx_ptnr2_PDB_ins_code 
_struct_conn.ptnr1_auth_asym_id 
_struct_conn.ptnr1_auth_comp_id 
_struct_conn.ptnr1_auth_seq_id 
_struct_conn.ptnr2_auth_asym_id 
_struct_conn.ptnr2_auth_comp_id 
_struct_conn.ptnr2_auth_seq_id 
_struct_conn.ptnr2_symmetry 
_struct_conn.pdbx_ptnr3_label_atom_id 
_struct_conn.pdbx_ptnr3_label_seq_id 
_struct_conn.pdbx_ptnr3_label_comp_id 
_struct_conn.pdbx_ptnr3_label_asym_id 
_struct_conn.pdbx_ptnr3_label_alt_id 
_struct_conn.pdbx_ptnr3_PDB_ins_code 
_struct_conn.details 
_struct_conn.pdbx_dist_value 
_struct_conn.pdbx_value_order 
_struct_conn.pdbx_role 
metalc1  metalc ? ? A DG 3 N7 ? ? ? 1_555 C BA  . BA ? ? A DG 3  A BA  12  1_555 ? ? ? ? ? ? ?            2.959 ? ? 
metalc2  metalc ? ? A DG 4 O6 ? ? ? 1_555 C BA  . BA ? ? A DG 4  A BA  12  1_555 ? ? ? ? ? ? ?            2.857 ? ? 
metalc3  metalc ? ? C BA . BA ? ? ? 1_555 D HOH . O  ? ? A BA 12 A HOH 14  1_555 ? ? ? ? ? ? ?            2.817 ? ? 
metalc4  metalc ? ? C BA . BA ? ? ? 1_555 D HOH . O  ? ? A BA 12 A HOH 35  1_555 ? ? ? ? ? ? ?            2.790 ? ? 
metalc5  metalc ? ? C BA . BA ? ? ? 1_555 D HOH . O  ? ? A BA 12 A HOH 42  1_555 ? ? ? ? ? ? ?            2.803 ? ? 
metalc6  metalc ? ? C BA . BA ? ? ? 1_555 D HOH . O  ? ? A BA 12 A HOH 55  1_555 ? ? ? ? ? ? ?            2.841 ? ? 
metalc7  metalc ? ? C BA . BA ? ? ? 1_555 D HOH . O  ? ? A BA 12 A HOH 59  1_555 ? ? ? ? ? ? ?            2.767 ? ? 
metalc8  metalc ? ? C BA . BA ? ? ? 1_555 D HOH . O  ? ? A BA 12 A HOH 138 1_555 ? ? ? ? ? ? ?            2.807 ? ? 
hydrog1  hydrog ? ? A DC 2 N3 ? ? ? 1_555 A DG  9 N1 ? ? A DC 2  A DG  9   7_555 ? ? ? ? ? ? WATSON-CRICK ?     ? ? 
hydrog2  hydrog ? ? A DC 2 N4 ? ? ? 1_555 A DG  9 O6 ? ? A DC 2  A DG  9   7_555 ? ? ? ? ? ? WATSON-CRICK ?     ? ? 
hydrog3  hydrog ? ? A DC 2 O2 ? ? ? 1_555 A DG  9 N2 ? ? A DC 2  A DG  9   7_555 ? ? ? ? ? ? WATSON-CRICK ?     ? ? 
hydrog4  hydrog ? ? A DG 3 N1 ? ? ? 1_555 A DC  8 N3 ? ? A DG 3  A DC  8   7_555 ? ? ? ? ? ? WATSON-CRICK ?     ? ? 
hydrog5  hydrog ? ? A DG 3 N2 ? ? ? 1_555 A DC  8 O2 ? ? A DG 3  A DC  8   7_555 ? ? ? ? ? ? WATSON-CRICK ?     ? ? 
hydrog6  hydrog ? ? A DG 3 O6 ? ? ? 1_555 A DC  8 N4 ? ? A DG 3  A DC  8   7_555 ? ? ? ? ? ? WATSON-CRICK ?     ? ? 
hydrog7  hydrog ? ? A DG 4 N1 ? ? ? 1_555 A DC  7 N3 ? ? A DG 4  A DC  7   7_555 ? ? ? ? ? ? WATSON-CRICK ?     ? ? 
hydrog8  hydrog ? ? A DG 4 N2 ? ? ? 1_555 A DC  7 O2 ? ? A DG 4  A DC  7   7_555 ? ? ? ? ? ? WATSON-CRICK ?     ? ? 
hydrog9  hydrog ? ? A DG 4 O6 ? ? ? 1_555 A DC  7 N4 ? ? A DG 4  A DC  7   7_555 ? ? ? ? ? ? WATSON-CRICK ?     ? ? 
hydrog10 hydrog ? ? A DC 5 N3 ? ? ? 1_555 A DG  6 N1 ? ? A DC 5  A DG  6   7_555 ? ? ? ? ? ? WATSON-CRICK ?     ? ? 
hydrog11 hydrog ? ? A DC 5 N4 ? ? ? 1_555 A DG  6 O6 ? ? A DC 5  A DG  6   7_555 ? ? ? ? ? ? WATSON-CRICK ?     ? ? 
hydrog12 hydrog ? ? A DC 5 O2 ? ? ? 1_555 A DG  6 N2 ? ? A DC 5  A DG  6   7_555 ? ? ? ? ? ? WATSON-CRICK ?     ? ? 
hydrog13 hydrog ? ? A DG 6 N1 ? ? ? 1_555 A DC  5 N3 ? ? A DG 6  A DC  5   7_555 ? ? ? ? ? ? WATSON-CRICK ?     ? ? 
hydrog14 hydrog ? ? A DG 6 N2 ? ? ? 1_555 A DC  5 O2 ? ? A DG 6  A DC  5   7_555 ? ? ? ? ? ? WATSON-CRICK ?     ? ? 
hydrog15 hydrog ? ? A DG 6 O6 ? ? ? 1_555 A DC  5 N4 ? ? A DG 6  A DC  5   7_555 ? ? ? ? ? ? WATSON-CRICK ?     ? ? 
hydrog16 hydrog ? ? A DC 7 N3 ? ? ? 1_555 A DG  4 N1 ? ? A DC 7  A DG  4   7_555 ? ? ? ? ? ? WATSON-CRICK ?     ? ? 
hydrog17 hydrog ? ? A DC 7 N4 ? ? ? 1_555 A DG  4 O6 ? ? A DC 7  A DG  4   7_555 ? ? ? ? ? ? WATSON-CRICK ?     ? ? 
hydrog18 hydrog ? ? A DC 7 O2 ? ? ? 1_555 A DG  4 N2 ? ? A DC 7  A DG  4   7_555 ? ? ? ? ? ? WATSON-CRICK ?     ? ? 
hydrog19 hydrog ? ? A DC 8 N3 ? ? ? 1_555 A DG  3 N1 ? ? A DC 8  A DG  3   7_555 ? ? ? ? ? ? WATSON-CRICK ?     ? ? 
hydrog20 hydrog ? ? A DC 8 N4 ? ? ? 1_555 A DG  3 O6 ? ? A DC 8  A DG  3   7_555 ? ? ? ? ? ? WATSON-CRICK ?     ? ? 
hydrog21 hydrog ? ? A DC 8 O2 ? ? ? 1_555 A DG  3 N2 ? ? A DC 8  A DG  3   7_555 ? ? ? ? ? ? WATSON-CRICK ?     ? ? 
hydrog22 hydrog ? ? A DG 9 N1 ? ? ? 1_555 A DC  2 N3 ? ? A DG 9  A DC  2   7_555 ? ? ? ? ? ? WATSON-CRICK ?     ? ? 
hydrog23 hydrog ? ? A DG 9 N2 ? ? ? 1_555 A DC  2 O2 ? ? A DG 9  A DC  2   7_555 ? ? ? ? ? ? WATSON-CRICK ?     ? ? 
hydrog24 hydrog ? ? A DG 9 O6 ? ? ? 1_555 A DC  2 N4 ? ? A DG 9  A DC  2   7_555 ? ? ? ? ? ? WATSON-CRICK ?     ? ? 
# 
loop_
_struct_conn_type.id 
_struct_conn_type.criteria 
_struct_conn_type.reference 
metalc ? ? 
hydrog ? ? 
# 
loop_
_struct_site.id 
_struct_site.pdbx_evidence_code 
_struct_site.pdbx_auth_asym_id 
_struct_site.pdbx_auth_comp_id 
_struct_site.pdbx_auth_seq_id 
_struct_site.pdbx_auth_ins_code 
_struct_site.pdbx_num_residues 
_struct_site.details 
AC1 Software A RKL 11 ? 10 'BINDING SITE FOR RESIDUE RKL A 11' 
AC2 Software A BA  12 ? 8  'BINDING SITE FOR RESIDUE BA A 12'  
# 
loop_
_struct_site_gen.id 
_struct_site_gen.site_id 
_struct_site_gen.pdbx_num_res 
_struct_site_gen.label_comp_id 
_struct_site_gen.label_asym_id 
_struct_site_gen.label_seq_id 
_struct_site_gen.pdbx_auth_ins_code 
_struct_site_gen.auth_comp_id 
_struct_site_gen.auth_asym_id 
_struct_site_gen.auth_seq_id 
_struct_site_gen.label_atom_id 
_struct_site_gen.label_alt_id 
_struct_site_gen.symmetry 
_struct_site_gen.details 
1  AC1 10 DT  A 1  ? DT  A 1   . ? 7_555 ? 
2  AC1 10 DC  A 2  ? DC  A 2   . ? 7_555 ? 
3  AC1 10 DG  A 3  ? DG  A 3   . ? 7_555 ? 
4  AC1 10 DG  A 3  ? DG  A 3   . ? 5_444 ? 
5  AC1 10 DG  A 4  ? DG  A 4   . ? 5_444 ? 
6  AC1 10 DC  A 5  ? DC  A 5   . ? 5_444 ? 
7  AC1 10 DC  A 7  ? DC  A 7   . ? 3_444 ? 
8  AC1 10 DC  A 8  ? DC  A 8   . ? 3_444 ? 
9  AC1 10 DG  A 9  ? DG  A 9   . ? 1_555 ? 
10 AC1 10 DA  A 10 ? DA  A 10  . ? 3_444 ? 
11 AC2 8  DG  A 3  ? DG  A 3   . ? 1_555 ? 
12 AC2 8  DG  A 4  ? DG  A 4   . ? 1_555 ? 
13 AC2 8  HOH D .  ? HOH A 14  . ? 1_555 ? 
14 AC2 8  HOH D .  ? HOH A 35  . ? 1_555 ? 
15 AC2 8  HOH D .  ? HOH A 42  . ? 1_555 ? 
16 AC2 8  HOH D .  ? HOH A 55  . ? 1_555 ? 
17 AC2 8  HOH D .  ? HOH A 59  . ? 1_555 ? 
18 AC2 8  HOH D .  ? HOH A 138 . ? 1_555 ? 
# 
_atom_sites.entry_id                    3QRN 
_atom_sites.fract_transf_matrix[1][1]   -0.02130919 
_atom_sites.fract_transf_matrix[1][2]   -0.00313697 
_atom_sites.fract_transf_matrix[1][3]   0.00971635 
_atom_sites.fract_transf_matrix[2][1]   -0.01009911 
_atom_sites.fract_transf_matrix[2][2]   0.00978370 
_atom_sites.fract_transf_matrix[2][3]   -0.01898991 
_atom_sites.fract_transf_matrix[3][1]   -0.00159438 
_atom_sites.fract_transf_matrix[3][2]   -0.02258680 
_atom_sites.fract_transf_matrix[3][3]   -0.01078893 
_atom_sites.fract_transf_vector[1]      -0.207193 
_atom_sites.fract_transf_vector[2]      -0.290267 
_atom_sites.fract_transf_vector[3]      -0.102999 
# 
loop_
_atom_type.symbol 
BA 
C  
N  
O  
P  
RU 
# 
loop_
_atom_site.group_PDB 
_atom_site.id 
_atom_site.type_symbol 
_atom_site.label_atom_id 
_atom_site.label_alt_id 
_atom_site.label_comp_id 
_atom_site.label_asym_id 
_atom_site.label_entity_id 
_atom_site.label_seq_id 
_atom_site.pdbx_PDB_ins_code 
_atom_site.Cartn_x 
_atom_site.Cartn_y 
_atom_site.Cartn_z 
_atom_site.occupancy 
_atom_site.B_iso_or_equiv 
_atom_site.pdbx_formal_charge 
_atom_site.auth_seq_id 
_atom_site.auth_comp_id 
_atom_site.auth_asym_id 
_atom_site.auth_atom_id 
_atom_site.pdbx_PDB_model_num 
ATOM   1   O  "O5'" . DT  A 1 1  ? 8.225   -17.158 -9.890  1.00 22.45 ? 1   DT  A "O5'" 1 
ATOM   2   C  "C5'" . DT  A 1 1  ? 9.495   -16.669 -10.240 1.00 18.60 ? 1   DT  A "C5'" 1 
ATOM   3   C  "C4'" . DT  A 1 1  ? 9.286   -15.447 -11.087 1.00 16.08 ? 1   DT  A "C4'" 1 
ATOM   4   O  "O4'" . DT  A 1 1  ? 8.514   -15.716 -12.275 1.00 18.50 ? 1   DT  A "O4'" 1 
ATOM   5   C  "C3'" . DT  A 1 1  ? 8.430   -14.374 -10.415 1.00 16.29 ? 1   DT  A "C3'" 1 
ATOM   6   O  "O3'" . DT  A 1 1  ? 9.316   -13.654 -9.541  1.00 15.59 ? 1   DT  A "O3'" 1 
ATOM   7   C  "C2'" . DT  A 1 1  ? 7.876   -13.527 -11.546 1.00 17.13 ? 1   DT  A "C2'" 1 
ATOM   8   C  "C1'" . DT  A 1 1  ? 7.806   -14.559 -12.687 1.00 16.64 ? 1   DT  A "C1'" 1 
ATOM   9   N  N1    . DT  A 1 1  ? 6.407   -14.986 -12.985 1.00 16.67 ? 1   DT  A N1    1 
ATOM   10  C  C2    . DT  A 1 1  ? 6.070   -15.236 -14.301 1.00 13.77 ? 1   DT  A C2    1 
ATOM   11  O  O2    . DT  A 1 1  ? 6.804   -15.050 -15.181 1.00 13.89 ? 1   DT  A O2    1 
ATOM   12  N  N3    . DT  A 1 1  ? 4.770   -15.700 -14.507 1.00 15.71 ? 1   DT  A N3    1 
ATOM   13  C  C4    . DT  A 1 1  ? 3.819   -15.939 -13.533 1.00 20.59 ? 1   DT  A C4    1 
ATOM   14  O  O4    . DT  A 1 1  ? 2.728   -16.340 -13.856 1.00 23.31 ? 1   DT  A O4    1 
ATOM   15  C  C5    . DT  A 1 1  ? 4.212   -15.690 -12.184 1.00 22.07 ? 1   DT  A C5    1 
ATOM   16  C  C7    . DT  A 1 1  ? 3.193   -15.893 -11.051 1.00 29.00 ? 1   DT  A C7    1 
ATOM   17  C  C6    . DT  A 1 1  ? 5.447   -15.222 -11.975 1.00 21.94 ? 1   DT  A C6    1 
ATOM   18  P  P     . DC  A 1 2  ? 8.863   -12.505 -8.540  1.00 16.08 ? 2   DC  A P     1 
ATOM   19  O  OP1   . DC  A 1 2  ? 10.003  -12.295 -7.618  1.00 17.73 ? 2   DC  A OP1   1 
ATOM   20  O  OP2   . DC  A 1 2  ? 7.550   -12.836 -7.993  1.00 17.25 ? 2   DC  A OP2   1 
ATOM   21  O  "O5'" . DC  A 1 2  ? 8.636   -11.221 -9.414  1.00 15.25 ? 2   DC  A "O5'" 1 
ATOM   22  C  "C5'" . DC  A 1 2  ? 9.770   -10.589 -10.090 1.00 14.89 ? 2   DC  A "C5'" 1 
ATOM   23  C  "C4'" . DC  A 1 2  ? 9.237   -9.327  -10.773 1.00 12.36 ? 2   DC  A "C4'" 1 
ATOM   24  O  "O4'" . DC  A 1 2  ? 8.193   -9.619  -11.715 1.00 12.30 ? 2   DC  A "O4'" 1 
ATOM   25  C  "C3'" . DC  A 1 2  ? 8.659   -8.310  -9.763  1.00 11.83 ? 2   DC  A "C3'" 1 
ATOM   26  O  "O3'" . DC  A 1 2  ? 9.767   -7.490  -9.303  1.00 11.95 ? 2   DC  A "O3'" 1 
ATOM   27  C  "C2'" . DC  A 1 2  ? 7.621   -7.613  -10.600 1.00 11.54 ? 2   DC  A "C2'" 1 
ATOM   28  C  "C1'" . DC  A 1 2  ? 7.228   -8.563  -11.738 1.00 11.20 ? 2   DC  A "C1'" 1 
ATOM   29  N  N1    . DC  A 1 2  ? 5.923   -9.185  -11.562 1.00 11.00 ? 2   DC  A N1    1 
ATOM   30  C  C2    . DC  A 1 2  ? 4.986   -9.066  -12.624 1.00 10.99 ? 2   DC  A C2    1 
ATOM   31  O  O2    . DC  A 1 2  ? 5.307   -8.422  -13.626 1.00 11.64 ? 2   DC  A O2    1 
ATOM   32  N  N3    . DC  A 1 2  ? 3.801   -9.729  -12.509 1.00 11.53 ? 2   DC  A N3    1 
ATOM   33  C  C4    . DC  A 1 2  ? 3.511   -10.455 -11.435 1.00 12.03 ? 2   DC  A C4    1 
ATOM   34  N  N4    . DC  A 1 2  ? 2.336   -11.101 -11.394 1.00 14.30 ? 2   DC  A N4    1 
ATOM   35  C  C5    . DC  A 1 2  ? 4.416   -10.544 -10.338 1.00 12.83 ? 2   DC  A C5    1 
ATOM   36  C  C6    . DC  A 1 2  ? 5.598   -9.916  -10.445 1.00 12.72 ? 2   DC  A C6    1 
ATOM   37  P  P     . DG  A 1 3  ? 9.600   -6.402  -8.186  1.00 11.99 ? 3   DG  A P     1 
ATOM   38  O  OP1   . DG  A 1 3  ? 10.994  -6.142  -7.696  1.00 13.97 ? 3   DG  A OP1   1 
ATOM   39  O  OP2   . DG  A 1 3  ? 8.554   -6.812  -7.223  1.00 12.48 ? 3   DG  A OP2   1 
ATOM   40  O  "O5'" . DG  A 1 3  ? 9.052   -5.109  -8.909  1.00 11.51 ? 3   DG  A "O5'" 1 
ATOM   41  C  "C5'" . DG  A 1 3  ? 9.880   -4.374  -9.824  1.00 11.40 ? 3   DG  A "C5'" 1 
ATOM   42  C  "C4'" . DG  A 1 3  ? 9.045   -3.430  -10.629 1.00 10.80 ? 3   DG  A "C4'" 1 
ATOM   43  O  "O4'" . DG  A 1 3  ? 8.118   -4.201  -11.436 1.00 10.39 ? 3   DG  A "O4'" 1 
ATOM   44  C  "C3'" . DG  A 1 3  ? 8.209   -2.463  -9.847  1.00 11.11 ? 3   DG  A "C3'" 1 
ATOM   45  O  "O3'" . DG  A 1 3  ? 8.936   -1.279  -9.632  1.00 14.09 ? 3   DG  A "O3'" 1 
ATOM   46  C  "C2'" . DG  A 1 3  ? 6.966   -2.222  -10.701 1.00 11.06 ? 3   DG  A "C2'" 1 
ATOM   47  C  "C1'" . DG  A 1 3  ? 6.848   -3.557  -11.519 1.00 10.03 ? 3   DG  A "C1'" 1 
ATOM   48  N  N9    . DG  A 1 3  ? 5.834   -4.478  -11.017 1.00 9.31  ? 3   DG  A N9    1 
ATOM   49  C  C8    . DG  A 1 3  ? 5.675   -4.879  -9.709  1.00 10.16 ? 3   DG  A C8    1 
ATOM   50  N  N7    . DG  A 1 3  ? 4.721   -5.770  -9.584  1.00 9.71  ? 3   DG  A N7    1 
ATOM   51  C  C5    . DG  A 1 3  ? 4.240   -5.941  -10.878 1.00 8.86  ? 3   DG  A C5    1 
ATOM   52  C  C6    . DG  A 1 3  ? 3.165   -6.733  -11.333 1.00 9.87  ? 3   DG  A C6    1 
ATOM   53  O  O6    . DG  A 1 3  ? 2.386   -7.484  -10.712 1.00 10.26 ? 3   DG  A O6    1 
ATOM   54  N  N1    . DG  A 1 3  ? 2.921   -6.560  -12.724 1.00 9.60  ? 3   DG  A N1    1 
ATOM   55  C  C2    . DG  A 1 3  ? 3.635   -5.715  -13.514 1.00 9.36  ? 3   DG  A C2    1 
ATOM   56  N  N2    . DG  A 1 3  ? 3.246   -5.612  -14.785 1.00 9.81  ? 3   DG  A N2    1 
ATOM   57  N  N3    . DG  A 1 3  ? 4.650   -4.969  -13.097 1.00 9.08  ? 3   DG  A N3    1 
ATOM   58  C  C4    . DG  A 1 3  ? 4.906   -5.150  -11.786 1.00 9.50  ? 3   DG  A C4    1 
ATOM   59  P  P     . DG  A 1 4  ? 8.852   -0.338  -8.394  1.00 15.88 ? 4   DG  A P     1 
ATOM   60  O  OP1   . DG  A 1 4  ? 9.874   0.730   -8.609  1.00 20.18 ? 4   DG  A OP1   1 
ATOM   61  O  OP2   . DG  A 1 4  ? 8.807   -1.188  -7.234  1.00 19.38 ? 4   DG  A OP2   1 
ATOM   62  O  "O5'" . DG  A 1 4  ? 7.389   0.266   -8.417  1.00 12.87 ? 4   DG  A "O5'" 1 
ATOM   63  C  "C5'" . DG  A 1 4  ? 7.032   1.248   -9.427  1.00 13.16 ? 4   DG  A "C5'" 1 
ATOM   64  C  "C4'" . DG  A 1 4  ? 5.673   1.735   -9.143  1.00 11.05 ? 4   DG  A "C4'" 1 
ATOM   65  O  "O4'" . DG  A 1 4  ? 4.766   0.618   -9.312  1.00 11.25 ? 4   DG  A "O4'" 1 
ATOM   66  C  "C3'" . DG  A 1 4  ? 5.422   2.262   -7.755  1.00 12.05 ? 4   DG  A "C3'" 1 
ATOM   67  O  "O3'" . DG  A 1 4  ? 4.461   3.315   -7.897  1.00 13.57 ? 4   DG  A "O3'" 1 
ATOM   68  C  "C2'" . DG  A 1 4  ? 4.761   1.096   -7.046  1.00 11.70 ? 4   DG  A "C2'" 1 
ATOM   69  C  "C1'" . DG  A 1 4  ? 3.981   0.422   -8.160  1.00 10.73 ? 4   DG  A "C1'" 1 
ATOM   70  N  N9    . DG  A 1 4  ? 3.708   -0.976  -7.996  1.00 10.49 ? 4   DG  A N9    1 
ATOM   71  C  C8    . DG  A 1 4  ? 4.524   -1.947  -7.496  1.00 10.62 ? 4   DG  A C8    1 
ATOM   72  N  N7    . DG  A 1 4  ? 3.982   -3.168  -7.515  1.00 10.80 ? 4   DG  A N7    1 
ATOM   73  C  C5    . DG  A 1 4  ? 2.714   -2.900  -8.031  1.00 9.69  ? 4   DG  A C5    1 
ATOM   74  C  C6    . DG  A 1 4  ? 1.658   -3.835  -8.248  1.00 9.55  ? 4   DG  A C6    1 
ATOM   75  O  O6    . DG  A 1 4  ? 1.667   -5.055  -8.077  1.00 10.26 ? 4   DG  A O6    1 
ATOM   76  N  N1    . DG  A 1 4  ? 0.517   -3.217  -8.765  1.00 9.64  ? 4   DG  A N1    1 
ATOM   77  C  C2    . DG  A 1 4  ? 0.459   -1.908  -9.098  1.00 10.20 ? 4   DG  A C2    1 
ATOM   78  N  N2    . DG  A 1 4  ? -0.705  -1.490  -9.656  1.00 11.12 ? 4   DG  A N2    1 
ATOM   79  N  N3    . DG  A 1 4  ? 1.428   -1.029  -8.889  1.00 10.01 ? 4   DG  A N3    1 
ATOM   80  C  C4    . DG  A 1 4  ? 2.552   -1.608  -8.322  1.00 9.75  ? 4   DG  A C4    1 
ATOM   81  P  P     . DC  A 1 5  ? 4.137   4.371   -6.788  1.00 13.91 ? 5   DC  A P     1 
ATOM   82  O  OP1   . DC  A 1 5  ? 4.693   5.674   -7.148  1.00 17.31 ? 5   DC  A OP1   1 
ATOM   83  O  OP2   . DC  A 1 5  ? 4.420   3.826   -5.456  1.00 15.20 ? 5   DC  A OP2   1 
ATOM   84  O  "O5'" . DC  A 1 5  ? 2.520   4.440   -6.916  1.00 12.44 ? 5   DC  A "O5'" 1 
ATOM   85  C  "C5'" . DC  A 1 5  ? 1.943   4.978   -8.104  1.00 12.89 ? 5   DC  A "C5'" 1 
ATOM   86  C  "C4'" . DC  A 1 5  ? 0.428   4.641   -8.187  1.00 11.81 ? 5   DC  A "C4'" 1 
ATOM   87  O  "O4'" . DC  A 1 5  ? 0.371   3.210   -8.350  1.00 12.05 ? 5   DC  A "O4'" 1 
ATOM   88  C  "C3'" . DC  A 1 5  ? -0.466  4.810   -6.964  1.00 14.76 ? 5   DC  A "C3'" 1 
ATOM   89  O  "O3'" . DC  A 1 5  ? -0.998  6.139   -7.112  1.00 11.47 ? 5   DC  A "O3'" 1 
ATOM   90  C  "C2'" . DC  A 1 5  ? -1.533  3.686   -7.171  1.00 14.63 ? 5   DC  A "C2'" 1 
ATOM   91  C  "C1'" . DC  A 1 5  ? -0.816  2.560   -7.797  1.00 14.46 ? 5   DC  A "C1'" 1 
ATOM   92  N  N1    . DC  A 1 5  ? -0.355  1.522   -6.905  1.00 12.59 ? 5   DC  A N1    1 
ATOM   93  C  C2    . DC  A 1 5  ? -1.153  0.390   -6.857  1.00 12.96 ? 5   DC  A C2    1 
ATOM   94  O  O2    . DC  A 1 5  ? -2.267  0.431   -7.437  1.00 15.25 ? 5   DC  A O2    1 
ATOM   95  N  N3    . DC  A 1 5  ? -0.686  -0.732  -6.259  1.00 11.66 ? 5   DC  A N3    1 
ATOM   96  C  C4    . DC  A 1 5  ? 0.538   -0.755  -5.714  1.00 10.62 ? 5   DC  A C4    1 
ATOM   97  N  N4    . DC  A 1 5  ? 0.986   -1.935  -5.272  1.00 10.41 ? 5   DC  A N4    1 
ATOM   98  C  C5    . DC  A 1 5  ? 1.336   0.416   -5.575  1.00 11.46 ? 5   DC  A C5    1 
ATOM   99  C  C6    . DC  A 1 5  ? 0.838   1.568   -6.192  1.00 13.15 ? 5   DC  A C6    1 
ATOM   100 P  P     . DG  A 1 6  ? -1.613  6.911   -5.864  1.00 14.12 ? 6   DG  A P     1 
ATOM   101 O  OP1   . DG  A 1 6  ? -1.999  8.218   -6.380  1.00 19.88 ? 6   DG  A OP1   1 
ATOM   102 O  OP2   . DG  A 1 6  ? -0.700  6.759   -4.738  1.00 19.14 ? 6   DG  A OP2   1 
ATOM   103 O  "O5'" . DG  A 1 6  ? -2.868  6.091   -5.429  1.00 12.93 ? 6   DG  A "O5'" 1 
ATOM   104 C  "C5'" . DG  A 1 6  ? -3.988  5.996   -6.317  1.00 13.64 ? 6   DG  A "C5'" 1 
ATOM   105 C  "C4'" . DG  A 1 6  ? -5.082  5.361   -5.518  1.00 15.38 ? 6   DG  A "C4'" 1 
ATOM   106 O  "O4'" . DG  A 1 6  ? -4.724  3.987   -5.256  1.00 16.64 ? 6   DG  A "O4'" 1 
ATOM   107 C  "C3'" . DG  A 1 6  ? -5.356  6.016   -4.153  1.00 17.65 ? 6   DG  A "C3'" 1 
ATOM   108 O  "O3'" . DG  A 1 6  ? -6.733  6.007   -3.992  1.00 19.11 ? 6   DG  A "O3'" 1 
ATOM   109 C  "C2'" . DG  A 1 6  ? -4.598  5.169   -3.109  1.00 15.08 ? 6   DG  A "C2'" 1 
ATOM   110 C  "C1'" . DG  A 1 6  ? -4.693  3.779   -3.790  1.00 14.23 ? 6   DG  A "C1'" 1 
ATOM   111 N  N9    . DG  A 1 6  ? -3.489  2.944   -3.550  1.00 13.02 ? 6   DG  A N9    1 
ATOM   112 C  C8    . DG  A 1 6  ? -2.197  3.344   -3.451  1.00 12.73 ? 6   DG  A C8    1 
ATOM   113 N  N7    . DG  A 1 6  ? -1.339  2.371   -3.289  1.00 11.42 ? 6   DG  A N7    1 
ATOM   114 C  C5    . DG  A 1 6  ? -2.117  1.252   -3.263  1.00 10.90 ? 6   DG  A C5    1 
ATOM   115 C  C6    . DG  A 1 6  ? -1.783  -0.126  -3.039  1.00 10.70 ? 6   DG  A C6    1 
ATOM   116 O  O6    . DG  A 1 6  ? -0.688  -0.664  -2.780  1.00 10.62 ? 6   DG  A O6    1 
ATOM   117 N  N1    . DG  A 1 6  ? -2.874  -0.986  -3.055  1.00 12.30 ? 6   DG  A N1    1 
ATOM   118 C  C2    . DG  A 1 6  ? -4.166  -0.550  -3.248  1.00 14.38 ? 6   DG  A C2    1 
ATOM   119 N  N2    . DG  A 1 6  ? -5.171  -1.447  -3.248  1.00 16.43 ? 6   DG  A N2    1 
ATOM   120 N  N3    . DG  A 1 6  ? -4.530  0.757   -3.419  1.00 14.69 ? 6   DG  A N3    1 
ATOM   121 C  C4    . DG  A 1 6  ? -3.456  1.598   -3.417  1.00 12.26 ? 6   DG  A C4    1 
ATOM   122 P  P     . DC  A 1 7  ? -7.472  6.723   -2.760  1.00 22.47 ? 7   DC  A P     1 
ATOM   123 O  OP1   . DC  A 1 7  ? -8.799  7.092   -3.251  1.00 27.67 ? 7   DC  A OP1   1 
ATOM   124 O  OP2   . DC  A 1 7  ? -6.536  7.623   -2.094  1.00 22.68 ? 7   DC  A OP2   1 
ATOM   125 O  "O5'" . DC  A 1 7  ? -7.639  5.549   -1.670  1.00 17.82 ? 7   DC  A "O5'" 1 
ATOM   126 C  "C5'" . DC  A 1 7  ? -8.533  4.499   -1.982  1.00 15.61 ? 7   DC  A "C5'" 1 
ATOM   127 C  "C4'" . DC  A 1 7  ? -8.309  3.359   -0.999  1.00 13.85 ? 7   DC  A "C4'" 1 
ATOM   128 O  "O4'" . DC  A 1 7  ? -7.070  2.741   -1.273  1.00 14.21 ? 7   DC  A "O4'" 1 
ATOM   129 C  "C3'" . DC  A 1 7  ? -8.173  3.732   0.475   1.00 12.26 ? 7   DC  A "C3'" 1 
ATOM   130 O  "O3'" . DC  A 1 7  ? -9.518  3.890   0.997   1.00 12.96 ? 7   DC  A "O3'" 1 
ATOM   131 C  "C2'" . DC  A 1 7  ? -7.487  2.475   1.069   1.00 12.81 ? 7   DC  A "C2'" 1 
ATOM   132 C  "C1'" . DC  A 1 7  ? -6.752  1.917   -0.143  1.00 12.75 ? 7   DC  A "C1'" 1 
ATOM   133 N  N1    . DC  A 1 7  ? -5.237  1.958   -0.037  1.00 11.33 ? 7   DC  A N1    1 
ATOM   134 C  C2    . DC  A 1 7  ? -4.531  0.774   0.031   1.00 10.95 ? 7   DC  A C2    1 
ATOM   135 O  O2    . DC  A 1 7  ? -5.150  -0.294  0.039   1.00 12.11 ? 7   DC  A O2    1 
ATOM   136 N  N3    . DC  A 1 7  ? -3.201  0.805   0.041   1.00 10.50 ? 7   DC  A N3    1 
ATOM   137 C  C4    . DC  A 1 7  ? -2.538  1.960   0.021   1.00 10.67 ? 7   DC  A C4    1 
ATOM   138 N  N4    . DC  A 1 7  ? -1.208  1.948   0.099   1.00 11.45 ? 7   DC  A N4    1 
ATOM   139 C  C5    . DC  A 1 7  ? -3.245  3.207   0.006   1.00 11.59 ? 7   DC  A C5    1 
ATOM   140 C  C6    . DC  A 1 7  ? -4.590  3.159   -0.040  1.00 11.63 ? 7   DC  A C6    1 
ATOM   141 P  P     . DC  A 1 8  ? -9.814  5.045   2.058   1.00 15.45 ? 8   DC  A P     1 
ATOM   142 O  OP1   . DC  A 1 8  ? -11.288 5.077   2.248   1.00 19.17 ? 8   DC  A OP1   1 
ATOM   143 O  OP2   . DC  A 1 8  ? -9.095  6.308   1.720   1.00 19.13 ? 8   DC  A OP2   1 
ATOM   144 O  "O5'" . DC  A 1 8  ? -9.120  4.573   3.396   1.00 13.21 ? 8   DC  A "O5'" 1 
ATOM   145 C  "C5'" . DC  A 1 8  ? -9.588  3.399   4.085   1.00 11.56 ? 8   DC  A "C5'" 1 
ATOM   146 C  "C4'" . DC  A 1 8  ? -8.723  3.164   5.293   1.00 11.89 ? 8   DC  A "C4'" 1 
ATOM   147 O  "O4'" . DC  A 1 8  ? -7.372  2.897   4.795   1.00 13.12 ? 8   DC  A "O4'" 1 
ATOM   148 C  "C3'" . DC  A 1 8  ? -8.566  4.331   6.246   1.00 12.94 ? 8   DC  A "C3'" 1 
ATOM   149 O  "O3'" . DC  A 1 8  ? -9.329  3.983   7.441   1.00 14.21 ? 8   DC  A "O3'" 1 
ATOM   150 C  "C2'" . DC  A 1 8  ? -7.046  4.480   6.502   1.00 11.84 ? 8   DC  A "C2'" 1 
ATOM   151 C  "C1'" . DC  A 1 8  ? -6.442  3.252   5.856   1.00 12.30 ? 8   DC  A "C1'" 1 
ATOM   152 N  N1    . DC  A 1 8  ? -5.157  3.476   5.129   1.00 10.92 ? 8   DC  A N1    1 
ATOM   153 C  C2    . DC  A 1 8  ? -4.054  2.691   5.438   1.00 10.21 ? 8   DC  A C2    1 
ATOM   154 O  O2    . DC  A 1 8  ? -4.121  1.872   6.357   1.00 10.88 ? 8   DC  A O2    1 
ATOM   155 N  N3    . DC  A 1 8  ? -2.919  2.848   4.709   1.00 9.94  ? 8   DC  A N3    1 
ATOM   156 C  C4    . DC  A 1 8  ? -2.877  3.752   3.719   1.00 11.06 ? 8   DC  A C4    1 
ATOM   157 N  N4    . DC  A 1 8  ? -1.740  3.848   3.002   1.00 12.10 ? 8   DC  A N4    1 
ATOM   158 C  C5    . DC  A 1 8  ? -3.970  4.593   3.441   1.00 12.18 ? 8   DC  A C5    1 
ATOM   159 C  C6    . DC  A 1 8  ? -5.093  4.419   4.182   1.00 11.97 ? 8   DC  A C6    1 
ATOM   160 P  P     . DG  A 1 9  ? -9.793  5.057   8.484   1.00 17.68 ? 9   DG  A P     1 
ATOM   161 O  OP1   . DG  A 1 9  ? -10.901 4.430   9.238   1.00 21.63 ? 9   DG  A OP1   1 
ATOM   162 O  OP2   . DG  A 1 9  ? -9.876  6.374   7.855   1.00 20.48 ? 9   DG  A OP2   1 
ATOM   163 O  "O5'" . DG  A 1 9  ? -8.517  5.245   9.452   1.00 16.19 ? 9   DG  A "O5'" 1 
ATOM   164 C  "C5'" . DG  A 1 9  ? -8.109  4.110   10.249  1.00 16.40 ? 9   DG  A "C5'" 1 
ATOM   165 C  "C4'" . DG  A 1 9  ? -6.818  4.450   10.905  1.00 18.04 ? 9   DG  A "C4'" 1 
ATOM   166 O  "O4'" . DG  A 1 9  ? -5.818  4.499   9.868   1.00 15.36 ? 9   DG  A "O4'" 1 
ATOM   167 C  "C3'" . DG  A 1 9  ? -6.808  5.798   11.536  1.00 19.67 ? 9   DG  A "C3'" 1 
ATOM   168 O  "O3'" . DG  A 1 9  ? -6.102  5.719   12.764  1.00 27.03 ? 9   DG  A "O3'" 1 
ATOM   169 C  "C2'" . DG  A 1 9  ? -6.024  6.704   10.600  1.00 17.80 ? 9   DG  A "C2'" 1 
ATOM   170 C  "C1'" . DG  A 1 9  ? -5.064  5.669   10.070  1.00 16.56 ? 9   DG  A "C1'" 1 
ATOM   171 N  N9    . DG  A 1 9  ? -4.452  5.994   8.783   1.00 14.53 ? 9   DG  A N9    1 
ATOM   172 C  C8    . DG  A 1 9  ? -4.782  6.990   7.899   1.00 15.40 ? 9   DG  A C8    1 
ATOM   173 N  N7    . DG  A 1 9  ? -3.949  7.036   6.859   1.00 15.09 ? 9   DG  A N7    1 
ATOM   174 C  C5    . DG  A 1 9  ? -3.051  5.989   7.106   1.00 13.78 ? 9   DG  A C5    1 
ATOM   175 C  C6    . DG  A 1 9  ? -1.906  5.561   6.411   1.00 13.55 ? 9   DG  A C6    1 
ATOM   176 O  O6    . DG  A 1 9  ? -1.405  5.988   5.390   1.00 13.82 ? 9   DG  A O6    1 
ATOM   177 N  N1    . DG  A 1 9  ? -1.244  4.474   7.010   1.00 12.28 ? 9   DG  A N1    1 
ATOM   178 C  C2    . DG  A 1 9  ? -1.668  3.899   8.187   1.00 12.02 ? 9   DG  A C2    1 
ATOM   179 N  N2    . DG  A 1 9  ? -0.956  2.872   8.636   1.00 12.55 ? 9   DG  A N2    1 
ATOM   180 N  N3    . DG  A 1 9  ? -2.720  4.299   8.873   1.00 13.17 ? 9   DG  A N3    1 
ATOM   181 C  C4    . DG  A 1 9  ? -3.346  5.363   8.283   1.00 13.66 ? 9   DG  A C4    1 
ATOM   182 P  P     . DA  A 1 10 ? -6.806  5.872   14.206  1.00 33.32 ? 10  DA  A P     1 
ATOM   183 O  OP1   . DA  A 1 10 ? -7.666  7.105   13.976  1.00 26.47 ? 10  DA  A OP1   1 
ATOM   184 O  OP2   . DA  A 1 10 ? -5.843  5.860   15.345  1.00 32.53 ? 10  DA  A OP2   1 
ATOM   185 O  "O5'" . DA  A 1 10 ? -8.101  4.952   14.334  1.00 30.21 ? 10  DA  A "O5'" 1 
ATOM   186 C  "C5'" . DA  A 1 10 ? -7.760  3.802   14.896  1.00 28.90 ? 10  DA  A "C5'" 1 
ATOM   187 C  "C4'" . DA  A 1 10 ? -8.981  3.006   14.753  1.00 23.71 ? 10  DA  A "C4'" 1 
ATOM   188 O  "O4'" . DA  A 1 10 ? -9.135  2.681   13.348  1.00 21.86 ? 10  DA  A "O4'" 1 
ATOM   189 C  "C3'" . DA  A 1 10 ? -8.623  1.729   15.441  1.00 29.77 ? 10  DA  A "C3'" 1 
ATOM   190 O  "O3'" . DA  A 1 10 ? -9.838  1.555   16.069  1.00 33.31 ? 10  DA  A "O3'" 1 
ATOM   191 C  "C2'" . DA  A 1 10 ? -8.669  0.615   14.446  1.00 29.42 ? 10  DA  A "C2'" 1 
ATOM   192 C  "C1'" . DA  A 1 10 ? -9.254  1.291   13.189  1.00 23.02 ? 10  DA  A "C1'" 1 
ATOM   193 N  N9    . DA  A 1 10 ? -8.668  0.972   11.880  1.00 20.89 ? 10  DA  A N9    1 
ATOM   194 C  C8    . DA  A 1 10 ? -7.374  0.747   11.595  1.00 20.73 ? 10  DA  A C8    1 
ATOM   195 N  N7    . DA  A 1 10 ? -7.192  0.431   10.279  1.00 16.39 ? 10  DA  A N7    1 
ATOM   196 C  C5    . DA  A 1 10 ? -8.444  0.544   9.722   1.00 15.47 ? 10  DA  A C5    1 
ATOM   197 C  C6    . DA  A 1 10 ? -8.976  0.414   8.434   1.00 13.62 ? 10  DA  A C6    1 
ATOM   198 N  N6    . DA  A 1 10 ? -8.263  0.043   7.363   1.00 12.28 ? 10  DA  A N6    1 
ATOM   199 N  N1    . DA  A 1 10 ? -10.309 0.581   8.269   1.00 15.49 ? 10  DA  A N1    1 
ATOM   200 C  C2    . DA  A 1 10 ? -11.133 0.897   9.318   1.00 17.85 ? 10  DA  A C2    1 
ATOM   201 N  N3    . DA  A 1 10 ? -10.661 1.044   10.564  1.00 19.14 ? 10  DA  A N3    1 
ATOM   202 C  C4    . DA  A 1 10 ? -9.373  0.881   10.731  1.00 18.16 ? 10  DA  A C4    1 
HETATM 203 RU RU    . RKL B 2 .  ? 2.168   2.824   11.994  1.00 9.69  ? 11  RKL A RU    1 
HETATM 204 C  C1    . RKL B 2 .  ? 0.251   4.920   11.504  1.00 10.85 ? 11  RKL A C1    1 
HETATM 205 N  N1    . RKL B 2 .  ? 2.053   3.948   10.256  1.00 10.15 ? 11  RKL A N1    1 
HETATM 206 C  C2    . RKL B 2 .  ? -0.181  3.996   13.617  1.00 11.16 ? 11  RKL A C2    1 
HETATM 207 N  N2    . RKL B 2 .  ? 0.600   4.021   12.531  1.00 10.16 ? 11  RKL A N2    1 
HETATM 208 C  C3    . RKL B 2 .  ? -1.235  4.832   13.777  1.00 12.90 ? 11  RKL A C3    1 
HETATM 209 N  N3    . RKL B 2 .  ? -2.095  7.631   10.686  1.00 13.31 ? 11  RKL A N3    1 
HETATM 210 C  C4    . RKL B 2 .  ? -1.586  5.770   12.815  1.00 12.56 ? 11  RKL A C4    1 
HETATM 211 N  N4    . RKL B 2 .  ? -0.420  7.673   8.427   1.00 13.29 ? 11  RKL A N4    1 
HETATM 212 C  C5    . RKL B 2 .  ? -0.808  5.828   11.665  1.00 11.61 ? 11  RKL A C5    1 
HETATM 213 N  N5    . RKL B 2 .  ? 0.930   1.404   11.250  1.00 11.31 ? 11  RKL A N5    1 
HETATM 214 C  C6    . RKL B 2 .  ? -1.070  6.787   10.575  1.00 12.00 ? 11  RKL A C6    1 
HETATM 215 N  N6    . RKL B 2 .  ? -0.341  -0.868  10.051  1.00 14.77 ? 11  RKL A N6    1 
HETATM 216 C  C7    . RKL B 2 .  ? -0.245  6.785   9.432   1.00 11.36 ? 11  RKL A C7    1 
HETATM 217 N  N7    . RKL B 2 .  ? 5.195   -0.428  10.012  1.00 12.51 ? 11  RKL A N7    1 
HETATM 218 C  C8    . RKL B 2 .  ? 0.866   5.825   9.295   1.00 10.88 ? 11  RKL A C8    1 
HETATM 219 N  N8    . RKL B 2 .  ? 3.675   1.588   11.257  1.00 10.34 ? 11  RKL A N8    1 
HETATM 220 C  C9    . RKL B 2 .  ? 1.709   5.795   8.201   1.00 11.23 ? 11  RKL A C9    1 
HETATM 221 N  N9    . RKL B 2 .  ? 3.525   4.130   12.800  1.00 9.29  ? 11  RKL A N9    1 
HETATM 222 C  C10   . RKL B 2 .  ? 1.058   4.930   10.333  1.00 10.51 ? 11  RKL A C10   1 
HETATM 223 N  N10   . RKL B 2 .  ? 5.512   5.531   14.310  1.00 9.80  ? 11  RKL A N10   1 
HETATM 224 C  C11   . RKL B 2 .  ? 2.695   4.841   8.170   1.00 11.14 ? 11  RKL A C11   1 
HETATM 225 N  N11   . RKL B 2 .  ? 3.009   1.028   16.430  1.00 10.09 ? 11  RKL A N11   1 
HETATM 226 C  C12   . RKL B 2 .  ? 2.868   3.946   9.203   1.00 10.45 ? 11  RKL A C12   1 
HETATM 227 N  N12   . RKL B 2 .  ? 2.351   1.873   13.856  1.00 9.82  ? 11  RKL A N12   1 
HETATM 228 C  C13   . RKL B 2 .  ? -1.446  8.541   8.569   1.00 14.67 ? 11  RKL A C13   1 
HETATM 229 C  C14   . RKL B 2 .  ? -1.629  9.461   7.484   1.00 18.62 ? 11  RKL A C14   1 
HETATM 230 C  C15   . RKL B 2 .  ? -2.285  8.542   9.712   1.00 13.98 ? 11  RKL A C15   1 
HETATM 231 C  C16   . RKL B 2 .  ? -3.352  9.468   9.831   1.00 18.02 ? 11  RKL A C16   1 
HETATM 232 C  C17   . RKL B 2 .  ? -3.540  10.325  8.764   1.00 18.69 ? 11  RKL A C17   1 
HETATM 233 C  C18   . RKL B 2 .  ? -2.643  10.360  7.631   1.00 21.22 ? 11  RKL A C18   1 
HETATM 234 C  C19   . RKL B 2 .  ? 1.626   0.427   10.643  1.00 11.03 ? 11  RKL A C19   1 
HETATM 235 C  C20   . RKL B 2 .  ? -0.408  1.146   11.313  1.00 13.50 ? 11  RKL A C20   1 
HETATM 236 C  C21   . RKL B 2 .  ? -0.979  0.080   10.690  1.00 14.63 ? 11  RKL A C21   1 
HETATM 237 C  C22   . RKL B 2 .  ? 1.016   -0.719  9.975   1.00 14.03 ? 11  RKL A C22   1 
HETATM 238 C  C23   . RKL B 2 .  ? 1.794   -1.691  9.335   1.00 14.50 ? 11  RKL A C23   1 
HETATM 239 C  C24   . RKL B 2 .  ? 3.194   -1.632  9.298   1.00 13.01 ? 11  RKL A C24   1 
HETATM 240 C  C25   . RKL B 2 .  ? 3.798   -0.523  9.987   1.00 12.42 ? 11  RKL A C25   1 
HETATM 241 C  C26   . RKL B 2 .  ? 3.051   0.477   10.592  1.00 11.27 ? 11  RKL A C26   1 
HETATM 242 C  C27   . RKL B 2 .  ? 5.706   0.658   10.595  1.00 11.65 ? 11  RKL A C27   1 
HETATM 243 C  C28   . RKL B 2 .  ? 4.968   1.686   11.211  1.00 11.30 ? 11  RKL A C28   1 
HETATM 244 C  C29   . RKL B 2 .  ? 3.922   3.702   14.073  1.00 9.43  ? 11  RKL A C29   1 
HETATM 245 C  C30   . RKL B 2 .  ? 4.129   5.214   12.340  1.00 9.69  ? 11  RKL A C30   1 
HETATM 246 C  C31   . RKL B 2 .  ? 5.101   5.894   13.053  1.00 10.15 ? 11  RKL A C31   1 
HETATM 247 C  C32   . RKL B 2 .  ? 4.908   4.406   14.810  1.00 9.61  ? 11  RKL A C32   1 
HETATM 248 C  C33   . RKL B 2 .  ? 5.273   3.917   16.091  1.00 9.51  ? 11  RKL A C33   1 
HETATM 249 C  C34   . RKL B 2 .  ? 4.663   2.809   16.591  1.00 9.54  ? 11  RKL A C34   1 
HETATM 250 C  C35   . RKL B 2 .  ? 3.641   2.092   15.889  1.00 8.93  ? 11  RKL A C35   1 
HETATM 251 C  C36   . RKL B 2 .  ? 3.308   2.561   14.641  1.00 9.22  ? 11  RKL A C36   1 
HETATM 252 C  C37   . RKL B 2 .  ? 2.077   0.422   15.678  1.00 10.27 ? 11  RKL A C37   1 
HETATM 253 C  C38   . RKL B 2 .  ? 1.754   0.858   14.396  1.00 9.93  ? 11  RKL A C38   1 
HETATM 254 BA BA    . BA  C 3 .  ? 3.957   -6.128  -6.748  1.00 10.09 ? 12  BA  A BA    1 
HETATM 255 O  O     . HOH D 4 .  ? -5.462  -0.462  6.989   1.00 11.91 ? 13  HOH A O     1 
HETATM 256 O  O     . HOH D 4 .  ? 6.526   -4.980  -6.604  1.00 11.78 ? 14  HOH A O     1 
HETATM 257 O  O     . HOH D 4 .  ? 10.733  -10.163 -5.932  1.00 25.41 ? 15  HOH A O     1 
HETATM 258 O  O     . HOH D 4 .  ? 8.917   -2.200  -14.010 1.00 15.53 ? 16  HOH A O     1 
HETATM 259 O  O     . HOH D 4 .  ? 4.125   -1.289  -4.179  1.00 10.84 ? 17  HOH A O     1 
HETATM 260 O  O     . HOH D 4 .  ? -0.361  10.239  -6.732  1.00 24.64 ? 18  HOH A O     1 
HETATM 261 O  O     . HOH D 4 .  ? -12.948 3.060   3.045   1.00 28.02 ? 19  HOH A O     1 
HETATM 262 O  O     . HOH D 4 .  ? 8.984   -8.265  -4.974  1.00 26.99 ? 20  HOH A O     1 
HETATM 263 O  O     . HOH D 4 .  ? 1.832   7.078   -3.955  1.00 24.36 ? 21  HOH A O     1 
HETATM 264 O  O     . HOH D 4 .  ? -1.309  6.407   -2.209  1.00 27.68 ? 22  HOH A O     1 
HETATM 265 O  O     . HOH D 4 .  ? 7.195   -14.300 -5.555  1.00 34.66 ? 23  HOH A O     1 
HETATM 266 O  O     . HOH D 4 .  ? 12.359  -8.298  -6.905  1.00 22.73 ? 24  HOH A O     1 
HETATM 267 O  O     . HOH D 4 .  ? -7.050  1.177   -4.651  1.00 23.60 ? 25  HOH A O     1 
HETATM 268 O  O     . HOH D 4 .  ? 12.694  -12.600 -8.492  1.00 31.39 ? 26  HOH A O     1 
HETATM 269 O  O     . HOH D 4 .  ? 0.409   4.359   -0.272  1.00 22.79 ? 27  HOH A O     1 
HETATM 270 O  O     . HOH D 4 .  ? -12.738 1.837   12.340  1.00 32.07 ? 28  HOH A O     1 
HETATM 271 O  O     . HOH D 4 .  ? 2.279   -12.770 -8.922  1.00 30.30 ? 29  HOH A O     1 
HETATM 272 O  O     . HOH D 4 .  ? 1.221   1.425   -10.372 1.00 11.84 ? 30  HOH A O     1 
HETATM 273 O  O     . HOH D 4 .  ? 4.131   1.837   -3.551  1.00 34.88 ? 31  HOH A O     1 
HETATM 274 O  O     . HOH D 4 .  ? -8.995  8.468   -5.599  1.00 30.30 ? 32  HOH A O     1 
HETATM 275 O  O     . HOH D 4 .  ? 7.287   -2.463  -5.584  1.00 22.79 ? 33  HOH A O     1 
HETATM 276 O  O     . HOH D 4 .  ? 0.257   -16.946 -13.026 1.00 36.40 ? 34  HOH A O     1 
HETATM 277 O  O     . HOH D 4 .  ? 4.361   -4.639  -4.423  1.00 20.40 ? 35  HOH A O     1 
HETATM 278 O  O     . HOH D 4 .  ? -1.826  8.027   3.708   1.00 24.62 ? 36  HOH A O     1 
HETATM 279 O  O     . HOH D 4 .  ? 3.002   4.679   -3.397  1.00 22.25 ? 37  HOH A O     1 
HETATM 280 O  O     . HOH D 4 .  ? -13.243 3.640   8.002   1.00 37.59 ? 38  HOH A O     1 
HETATM 281 O  O     . HOH D 4 .  ? -8.168  -1.205  0.914   1.00 21.06 ? 39  HOH A O     1 
HETATM 282 O  O     . HOH D 4 .  ? 4.530   5.053   -1.281  1.00 37.90 ? 40  HOH A O     1 
HETATM 283 O  O     . HOH D 4 .  ? 4.697   -2.516  -14.712 1.00 17.55 ? 41  HOH A O     1 
HETATM 284 O  O     . HOH D 4 .  ? 5.997   -7.976  -7.278  1.00 12.39 ? 42  HOH A O     1 
HETATM 285 O  O     . HOH D 4 .  ? -9.492  0.804   -3.086  1.00 29.27 ? 43  HOH A O     1 
HETATM 286 O  O     . HOH D 4 .  ? 5.524   9.084   -10.038 1.00 36.82 ? 44  HOH A O     1 
HETATM 287 O  O     . HOH D 4 .  ? -1.708  0.920   14.362  1.00 30.34 ? 46  HOH A O     1 
HETATM 288 O  O     . HOH D 4 .  ? 5.171   -14.044 -8.830  1.00 22.19 ? 51  HOH A O     1 
HETATM 289 O  O     . HOH D 4 .  ? -1.701  6.340   1.447   1.00 23.01 ? 53  HOH A O     1 
HETATM 290 O  O     . HOH D 4 .  ? 1.574   -6.036  -5.203  1.00 13.94 ? 55  HOH A O     1 
HETATM 291 O  O     . HOH D 4 .  ? -6.573  6.880   2.502   1.00 27.40 ? 56  HOH A O     1 
HETATM 292 O  O     . HOH D 4 .  ? 1.255   2.862   -2.531  1.00 16.66 ? 57  HOH A O     1 
HETATM 293 O  O     . HOH D 4 .  ? -3.360  2.187   10.628  1.00 16.07 ? 58  HOH A O     1 
HETATM 294 O  O     . HOH D 4 .  ? 2.649   -8.183  -8.060  1.00 11.83 ? 59  HOH A O     1 
HETATM 295 O  O     . HOH D 4 .  ? 1.364   8.900   -8.148  1.00 26.35 ? 61  HOH A O     1 
HETATM 296 O  O     . HOH D 4 .  ? -4.686  8.494   4.688   1.00 30.14 ? 63  HOH A O     1 
HETATM 297 O  O     . HOH D 4 .  ? 5.435   6.273   -9.662  1.00 18.87 ? 68  HOH A O     1 
HETATM 298 O  O     . HOH D 4 .  ? -4.539  1.499   -8.783  1.00 23.19 ? 69  HOH A O     1 
HETATM 299 O  O     . HOH D 4 .  ? -8.133  4.271   18.423  1.00 29.94 ? 74  HOH A O     1 
HETATM 300 O  O     . HOH D 4 .  ? 5.653   2.191   -12.744 1.00 19.52 ? 75  HOH A O     1 
HETATM 301 O  O     . HOH D 4 .  ? -1.017  0.724   17.105  1.00 21.24 ? 76  HOH A O     1 
HETATM 302 O  O     . HOH D 4 .  ? 1.325   -2.002  12.947  1.00 13.25 ? 77  HOH A O     1 
HETATM 303 O  O     . HOH D 4 .  ? 0.480   -4.142  11.387  1.00 14.66 ? 78  HOH A O     1 
HETATM 304 O  O     . HOH D 4 .  ? -1.982  -3.505  10.315  1.00 22.87 ? 79  HOH A O     1 
HETATM 305 O  O     . HOH D 4 .  ? 6.028   -10.743 -6.875  1.00 18.87 ? 80  HOH A O     1 
HETATM 306 O  O     . HOH D 4 .  ? 11.683  -4.565  -5.789  1.00 21.88 ? 81  HOH A O     1 
HETATM 307 O  O     . HOH D 4 .  ? -4.570  -0.199  9.664   1.00 17.72 ? 82  HOH A O     1 
HETATM 308 O  O     . HOH D 4 .  ? 3.305   -10.791 -6.989  1.00 24.18 ? 83  HOH A O     1 
HETATM 309 O  O     . HOH D 4 .  ? -4.947  6.482   0.408   1.00 23.35 ? 86  HOH A O     1 
HETATM 310 O  O     . HOH D 4 .  ? 3.384   7.920   -6.346  1.00 24.86 ? 89  HOH A O     1 
HETATM 311 O  O     . HOH D 4 .  ? -2.892  6.685   16.408  1.00 27.13 ? 95  HOH A O     1 
HETATM 312 O  O     . HOH D 4 .  ? -8.120  -1.548  -1.982  1.00 21.77 ? 114 HOH A O     1 
HETATM 313 O  O     . HOH D 4 .  ? -4.238  3.750   15.346  1.00 31.98 ? 122 HOH A O     1 
HETATM 314 O  O     . HOH D 4 .  ? -3.874  2.264   13.305  1.00 30.04 ? 123 HOH A O     1 
HETATM 315 O  O     . HOH D 4 .  ? 9.488   -3.878  -4.476  1.00 30.95 ? 124 HOH A O     1 
HETATM 316 O  O     . HOH D 4 .  ? -6.933  6.540   17.937  1.00 31.30 ? 125 HOH A O     1 
HETATM 317 O  O     . HOH D 4 .  ? 7.042   -5.000  -3.138  1.00 30.01 ? 136 HOH A O     1 
HETATM 318 O  O     . HOH D 4 .  ? 3.883   -8.113  -4.763  1.00 21.77 ? 138 HOH A O     1 
# 
loop_
_atom_site_anisotrop.id 
_atom_site_anisotrop.type_symbol 
_atom_site_anisotrop.pdbx_label_atom_id 
_atom_site_anisotrop.pdbx_label_alt_id 
_atom_site_anisotrop.pdbx_label_comp_id 
_atom_site_anisotrop.pdbx_label_asym_id 
_atom_site_anisotrop.pdbx_label_seq_id 
_atom_site_anisotrop.pdbx_PDB_ins_code 
_atom_site_anisotrop.U[1][1] 
_atom_site_anisotrop.U[2][2] 
_atom_site_anisotrop.U[3][3] 
_atom_site_anisotrop.U[1][2] 
_atom_site_anisotrop.U[1][3] 
_atom_site_anisotrop.U[2][3] 
_atom_site_anisotrop.pdbx_auth_seq_id 
_atom_site_anisotrop.pdbx_auth_comp_id 
_atom_site_anisotrop.pdbx_auth_asym_id 
_atom_site_anisotrop.pdbx_auth_atom_id 
1   O  "O5'" . DT  A 1  ? 0.3792 0.1938 0.2797 0.0144  0.0708  0.0181  1   DT  A "O5'" 
2   C  "C5'" . DT  A 1  ? 0.3072 0.1287 0.2704 0.0375  0.0384  0.0011  1   DT  A "C5'" 
3   C  "C4'" . DT  A 1  ? 0.3111 0.1343 0.1655 0.0771  -0.0042 -0.0171 1   DT  A "C4'" 
4   O  "O4'" . DT  A 1  ? 0.3380 0.1827 0.1821 0.0838  -0.0070 -0.0234 1   DT  A "O4'" 
5   C  "C3'" . DT  A 1  ? 0.2822 0.1799 0.1568 0.0472  -0.0055 0.0003  1   DT  A "C3'" 
6   O  "O3'" . DT  A 1  ? 0.2874 0.1411 0.1637 0.0716  0.0079  -0.0047 1   DT  A "O3'" 
7   C  "C2'" . DT  A 1  ? 0.3288 0.1617 0.1600 0.0761  -0.0024 -0.0052 1   DT  A "C2'" 
8   C  "C1'" . DT  A 1  ? 0.2718 0.1642 0.1963 0.0445  -0.0093 -0.0108 1   DT  A "C1'" 
9   N  N1    . DT  A 1  ? 0.2581 0.1945 0.1808 0.0346  0.0620  0.0143  1   DT  A N1    
10  C  C2    . DT  A 1  ? 0.2395 0.1051 0.1785 -0.0062 0.0393  -0.0094 1   DT  A C2    
11  O  O2    . DT  A 1  ? 0.2313 0.1280 0.1683 -0.0092 0.0449  -0.0051 1   DT  A O2    
12  N  N3    . DT  A 1  ? 0.2543 0.1275 0.2149 -0.0120 0.0763  0.0011  1   DT  A N3    
13  C  C4    . DT  A 1  ? 0.2867 0.2487 0.2468 0.0052  0.1037  0.0493  1   DT  A C4    
14  O  O4    . DT  A 1  ? 0.2615 0.3189 0.3050 -0.0412 0.1057  0.0454  1   DT  A O4    
15  C  C5    . DT  A 1  ? 0.2901 0.3211 0.2273 -0.0045 0.1086  0.0593  1   DT  A C5    
16  C  C7    . DT  A 1  ? 0.3528 0.4355 0.3133 0.0328  0.1169  0.0268  1   DT  A C7    
17  C  C6    . DT  A 1  ? 0.3091 0.2847 0.2396 0.0526  0.0780  0.0553  1   DT  A C6    
18  P  P     . DC  A 2  ? 0.2813 0.1654 0.1641 0.0450  0.0420  0.0060  2   DC  A P     
19  O  OP1   . DC  A 2  ? 0.3475 0.1592 0.1670 0.0464  0.0196  -0.0017 2   DC  A OP1   
20  O  OP2   . DC  A 2  ? 0.3084 0.1469 0.2001 0.0503  0.0500  0.0061  2   DC  A OP2   
21  O  "O5'" . DC  A 2  ? 0.2518 0.1431 0.1842 0.0484  0.0583  0.0127  2   DC  A "O5'" 
22  C  "C5'" . DC  A 2  ? 0.2293 0.1453 0.1909 0.0382  0.0734  0.0101  2   DC  A "C5'" 
23  C  "C4'" . DC  A 2  ? 0.1950 0.1083 0.1662 0.0406  0.0314  -0.0090 2   DC  A "C4'" 
24  O  "O4'" . DC  A 2  ? 0.1794 0.1257 0.1621 0.0122  0.0372  -0.0311 2   DC  A "O4'" 
25  C  "C3'" . DC  A 2  ? 0.1884 0.1048 0.1559 0.0281  0.0165  -0.0326 2   DC  A "C3'" 
26  O  "O3'" . DC  A 2  ? 0.1525 0.1315 0.1699 0.0315  0.0079  -0.0326 2   DC  A "O3'" 
27  C  "C2'" . DC  A 2  ? 0.1652 0.1201 0.1529 0.0256  0.0266  -0.0213 2   DC  A "C2'" 
28  C  "C1'" . DC  A 2  ? 0.1586 0.0946 0.1721 0.0196  0.0238  -0.0296 2   DC  A "C1'" 
29  N  N1    . DC  A 2  ? 0.1643 0.0925 0.1608 0.0131  0.0357  -0.0121 2   DC  A N1    
30  C  C2    . DC  A 2  ? 0.1484 0.1030 0.1659 0.0250  0.0391  -0.0129 2   DC  A C2    
31  O  O2    . DC  A 2  ? 0.1586 0.1219 0.1617 0.0124  0.0346  0.0073  2   DC  A O2    
32  N  N3    . DC  A 2  ? 0.1622 0.1144 0.1612 0.0097  0.0506  -0.0083 2   DC  A N3    
33  C  C4    . DC  A 2  ? 0.1914 0.1016 0.1639 0.0031  0.0447  -0.0313 2   DC  A C4    
34  N  N4    . DC  A 2  ? 0.1907 0.1439 0.2084 -0.0238 0.0626  0.0009  2   DC  A N4    
35  C  C5    . DC  A 2  ? 0.1956 0.1280 0.1639 -0.0162 0.0447  -0.0200 2   DC  A C5    
36  C  C6    . DC  A 2  ? 0.1988 0.1295 0.1549 0.0252  0.0444  -0.0055 2   DC  A C6    
37  P  P     . DG  A 3  ? 0.1405 0.1559 0.1591 0.0302  0.0011  -0.0201 3   DG  A P     
38  O  OP1   . DG  A 3  ? 0.1587 0.1863 0.1856 0.0248  -0.0119 -0.0046 3   DG  A OP1   
39  O  OP2   . DG  A 3  ? 0.1471 0.1706 0.1564 0.0374  -0.0055 -0.0259 3   DG  A OP2   
40  O  "O5'" . DG  A 3  ? 0.1285 0.1550 0.1537 0.0203  0.0008  -0.0358 3   DG  A "O5'" 
41  C  "C5'" . DG  A 3  ? 0.1409 0.1367 0.1554 0.0163  0.0054  -0.0284 3   DG  A "C5'" 
42  C  "C4'" . DG  A 3  ? 0.1378 0.1133 0.1590 0.0013  -0.0017 -0.0575 3   DG  A "C4'" 
43  O  "O4'" . DG  A 3  ? 0.1403 0.1121 0.1424 0.0069  0.0127  -0.0308 3   DG  A "O4'" 
44  C  "C3'" . DG  A 3  ? 0.1456 0.1026 0.1740 -0.0099 -0.0241 -0.0530 3   DG  A "C3'" 
45  O  "O3'" . DG  A 3  ? 0.1431 0.1422 0.2499 0.0049  -0.0132 -0.0876 3   DG  A "O3'" 
46  C  "C2'" . DG  A 3  ? 0.1357 0.1163 0.1679 0.0082  -0.0087 -0.0351 3   DG  A "C2'" 
47  C  "C1'" . DG  A 3  ? 0.1349 0.0958 0.1504 0.0001  -0.0078 -0.0239 3   DG  A "C1'" 
48  N  N9    . DG  A 3  ? 0.1324 0.1048 0.1165 0.0003  -0.0036 -0.0144 3   DG  A N9    
49  C  C8    . DG  A 3  ? 0.1257 0.1070 0.1533 0.0140  -0.0039 -0.0284 3   DG  A C8    
50  N  N7    . DG  A 3  ? 0.1434 0.0930 0.1325 0.0113  0.0024  -0.0213 3   DG  A N7    
51  C  C5    . DG  A 3  ? 0.1232 0.0974 0.1158 -0.0050 -0.0040 -0.0305 3   DG  A C5    
52  C  C6    . DG  A 3  ? 0.1475 0.0946 0.1327 0.0167  0.0169  -0.0260 3   DG  A C6    
53  O  O6    . DG  A 3  ? 0.1404 0.1239 0.1254 -0.0093 0.0173  -0.0101 3   DG  A O6    
54  N  N1    . DG  A 3  ? 0.1335 0.1133 0.1178 0.0097  0.0095  -0.0157 3   DG  A N1    
55  C  C2    . DG  A 3  ? 0.1245 0.1057 0.1252 0.0117  0.0053  -0.0322 3   DG  A C2    
56  N  N2    . DG  A 3  ? 0.1417 0.1071 0.1237 0.0089  -0.0008 -0.0197 3   DG  A N2    
57  N  N3    . DG  A 3  ? 0.1309 0.0992 0.1150 0.0062  0.0002  -0.0154 3   DG  A N3    
58  C  C4    . DG  A 3  ? 0.1318 0.0900 0.1391 0.0051  0.0163  -0.0344 3   DG  A C4    
59  P  P     . DG  A 4  ? 0.1855 0.1634 0.2541 0.0198  -0.0440 -0.0918 4   DG  A P     
60  O  OP1   . DG  A 4  ? 0.1855 0.2099 0.3712 -0.0112 -0.0442 -0.1399 4   DG  A OP1   
61  O  OP2   . DG  A 4  ? 0.3198 0.2045 0.2120 0.1029  -0.0530 -0.0806 4   DG  A OP2   
62  O  "O5'" . DG  A 4  ? 0.1777 0.1280 0.1829 0.0185  0.0041  -0.0476 4   DG  A "O5'" 
63  C  "C5'" . DG  A 4  ? 0.1765 0.1232 0.2000 0.0055  0.0128  -0.0096 4   DG  A "C5'" 
64  C  "C4'" . DG  A 4  ? 0.1611 0.1063 0.1522 -0.0099 -0.0059 -0.0551 4   DG  A "C4'" 
65  O  "O4'" . DG  A 4  ? 0.1623 0.1227 0.1424 -0.0023 0.0021  -0.0414 4   DG  A "O4'" 
66  C  "C3'" . DG  A 4  ? 0.1606 0.1167 0.1803 0.0158  -0.0037 -0.0421 4   DG  A "C3'" 
67  O  "O3'" . DG  A 4  ? 0.2223 0.1175 0.1755 0.0308  -0.0309 -0.0610 4   DG  A "O3'" 
68  C  "C2'" . DG  A 4  ? 0.1638 0.1316 0.1490 0.0050  -0.0083 -0.0429 4   DG  A "C2'" 
69  C  "C1'" . DG  A 4  ? 0.1656 0.1046 0.1372 -0.0166 0.0014  -0.0320 4   DG  A "C1'" 
70  N  N9    . DG  A 4  ? 0.1395 0.1299 0.1290 0.0071  0.0041  -0.0185 4   DG  A N9    
71  C  C8    . DG  A 4  ? 0.1663 0.1228 0.1144 0.0317  -0.0052 -0.0319 4   DG  A C8    
72  N  N7    . DG  A 4  ? 0.1415 0.1294 0.1394 0.0190  -0.0045 -0.0312 4   DG  A N7    
73  C  C5    . DG  A 4  ? 0.1520 0.1048 0.1113 0.0107  0.0062  -0.0319 4   DG  A C5    
74  C  C6    . DG  A 4  ? 0.1462 0.1097 0.1065 0.0151  0.0024  -0.0143 4   DG  A C6    
75  O  O6    . DG  A 4  ? 0.1502 0.1051 0.1343 0.0123  0.0154  -0.0091 4   DG  A O6    
76  N  N1    . DG  A 4  ? 0.1400 0.1126 0.1134 0.0175  0.0129  0.0018  4   DG  A N1    
77  C  C2    . DG  A 4  ? 0.1405 0.1310 0.1157 0.0154  0.0211  0.0016  4   DG  A C2    
78  N  N2    . DG  A 4  ? 0.1414 0.1292 0.1516 0.0085  0.0026  0.0138  4   DG  A N2    
79  N  N3    . DG  A 4  ? 0.1417 0.1139 0.1246 0.0162  0.0170  -0.0166 4   DG  A N3    
80  C  C4    . DG  A 4  ? 0.1387 0.1056 0.1262 0.0106  0.0234  -0.0265 4   DG  A C4    
81  P  P     . DC  A 5  ? 0.2119 0.1287 0.1875 0.0267  -0.0146 -0.0514 5   DC  A P     
82  O  OP1   . DC  A 5  ? 0.2523 0.1366 0.2686 -0.0203 -0.0228 -0.0718 5   DC  A OP1   
83  O  OP2   . DC  A 5  ? 0.2272 0.1740 0.1764 0.0535  -0.0094 -0.0651 5   DC  A OP2   
84  O  "O5'" . DC  A 5  ? 0.1860 0.1254 0.1611 0.0197  0.0072  -0.0252 5   DC  A "O5'" 
85  C  "C5'" . DC  A 5  ? 0.1980 0.1134 0.1781 0.0132  -0.0141 0.0036  5   DC  A "C5'" 
86  C  "C4'" . DC  A 5  ? 0.1869 0.1119 0.1500 0.0285  0.0185  -0.0206 5   DC  A "C4'" 
87  O  "O4'" . DC  A 5  ? 0.1638 0.1379 0.1559 -0.0004 0.0233  0.0125  5   DC  A "O4'" 
88  C  "C3'" . DC  A 5  ? 0.1977 0.1219 0.2412 0.0486  0.0449  -0.0152 5   DC  A "C3'" 
89  O  "O3'" . DC  A 5  ? 0.1742 0.1081 0.1534 0.0082  0.0098  -0.0227 5   DC  A "O3'" 
90  C  "C2'" . DC  A 5  ? 0.2500 0.1260 0.1797 -0.0185 0.0454  -0.0236 5   DC  A "C2'" 
91  C  "C1'" . DC  A 5  ? 0.1959 0.1583 0.1949 0.0157  -0.0015 0.0064  5   DC  A "C1'" 
92  N  N1    . DC  A 5  ? 0.1670 0.1322 0.1790 0.0205  0.0250  0.0012  5   DC  A N1    
93  C  C2    . DC  A 5  ? 0.1626 0.1565 0.1731 0.0210  0.0460  0.0208  5   DC  A C2    
94  O  O2    . DC  A 5  ? 0.1748 0.1755 0.2290 0.0335  0.0317  0.0507  5   DC  A O2    
95  N  N3    . DC  A 5  ? 0.1620 0.1374 0.1436 0.0259  0.0326  0.0191  5   DC  A N3    
96  C  C4    . DC  A 5  ? 0.1646 0.1193 0.1193 -0.0028 0.0253  -0.0074 5   DC  A C4    
97  N  N4    . DC  A 5  ? 0.1784 0.1032 0.1137 0.0131  0.0177  -0.0111 5   DC  A N4    
98  C  C5    . DC  A 5  ? 0.1955 0.1127 0.1271 0.0195  0.0288  -0.0105 5   DC  A C5    
99  C  C6    . DC  A 5  ? 0.2360 0.1325 0.1309 -0.0265 0.0334  0.0005  5   DC  A C6    
100 P  P     . DG  A 6  ? 0.2293 0.1289 0.1781 -0.0002 0.0044  -0.0460 6   DG  A P     
101 O  OP1   . DG  A 6  ? 0.3490 0.1235 0.2825 0.0202  0.0925  -0.0287 6   DG  A OP1   
102 O  OP2   . DG  A 6  ? 0.2715 0.2498 0.2057 -0.0160 0.0275  -0.0972 6   DG  A OP2   
103 O  "O5'" . DG  A 6  ? 0.1779 0.1673 0.1460 0.0258  0.0138  0.0021  6   DG  A "O5'" 
104 C  "C5'" . DG  A 6  ? 0.1729 0.1772 0.1679 0.0201  -0.0032 0.0484  6   DG  A "C5'" 
105 C  "C4'" . DG  A 6  ? 0.1997 0.2013 0.1834 0.0293  0.0208  0.0749  6   DG  A "C4'" 
106 O  "O4'" . DG  A 6  ? 0.2390 0.2094 0.1836 -0.0122 -0.0211 0.0556  6   DG  A "O4'" 
107 C  "C3'" . DG  A 6  ? 0.2186 0.2584 0.1937 0.0659  0.0309  0.0688  6   DG  A "C3'" 
108 O  "O3'" . DG  A 6  ? 0.2014 0.3123 0.2120 0.0896  0.0552  0.1139  6   DG  A "O3'" 
109 C  "C2'" . DG  A 6  ? 0.2191 0.1802 0.1736 0.0474  0.0063  0.0392  6   DG  A "C2'" 
110 C  "C1'" . DG  A 6  ? 0.1878 0.1957 0.1571 0.0156  -0.0101 0.0504  6   DG  A "C1'" 
111 N  N9    . DG  A 6  ? 0.1607 0.1660 0.1679 -0.0002 0.0029  0.0366  6   DG  A N9    
112 C  C8    . DG  A 6  ? 0.1754 0.1674 0.1406 0.0230  0.0130  -0.0025 6   DG  A C8    
113 N  N7    . DG  A 6  ? 0.1660 0.1267 0.1413 -0.0068 0.0039  -0.0160 6   DG  A N7    
114 C  C5    . DG  A 6  ? 0.1346 0.1678 0.1117 0.0185  -0.0009 -0.0019 6   DG  A C5    
115 C  C6    . DG  A 6  ? 0.1368 0.1615 0.1082 -0.0138 0.0139  -0.0138 6   DG  A C6    
116 O  O6    . DG  A 6  ? 0.1394 0.1383 0.1256 -0.0105 0.0054  -0.0180 6   DG  A O6    
117 N  N1    . DG  A 6  ? 0.1312 0.2005 0.1353 -0.0104 -0.0093 0.0234  6   DG  A N1    
118 C  C2    . DG  A 6  ? 0.2139 0.1619 0.1705 -0.0515 -0.0168 0.0358  6   DG  A C2    
119 N  N2    . DG  A 6  ? 0.2040 0.1673 0.2530 -0.0614 -0.0678 0.0477  6   DG  A N2    
120 N  N3    . DG  A 6  ? 0.1694 0.1941 0.1947 -0.0191 -0.0171 0.0548  6   DG  A N3    
121 C  C4    . DG  A 6  ? 0.1604 0.1737 0.1315 -0.0159 -0.0009 0.0214  6   DG  A C4    
122 P  P     . DC  A 7  ? 0.2858 0.2698 0.2981 0.1045  0.1062  0.1165  7   DC  A P     
123 O  OP1   . DC  A 7  ? 0.2899 0.3954 0.3660 0.1818  0.1181  0.2011  7   DC  A OP1   
124 O  OP2   . DC  A 7  ? 0.3308 0.2273 0.3035 0.0777  0.1404  0.0345  7   DC  A OP2   
125 O  "O5'" . DC  A 7  ? 0.2466 0.2241 0.2062 0.0572  0.0396  0.0804  7   DC  A "O5'" 
126 C  "C5'" . DC  A 7  ? 0.2187 0.2189 0.1552 0.0276  0.0057  0.0397  7   DC  A "C5'" 
127 C  "C4'" . DC  A 7  ? 0.1845 0.1924 0.1493 0.0361  0.0157  -0.0040 7   DC  A "C4'" 
128 O  "O4'" . DC  A 7  ? 0.1632 0.2456 0.1310 0.0305  -0.0008 0.0038  7   DC  A "O4'" 
129 C  "C3'" . DC  A 7  ? 0.1415 0.1668 0.1574 0.0176  0.0228  -0.0147 7   DC  A "C3'" 
130 O  "O3'" . DC  A 7  ? 0.1951 0.1593 0.1379 0.0238  -0.0044 -0.0109 7   DC  A "O3'" 
131 C  "C2'" . DC  A 7  ? 0.1778 0.1663 0.1423 0.0537  0.0176  0.0086  7   DC  A "C2'" 
132 C  "C1'" . DC  A 7  ? 0.1623 0.1604 0.1617 0.0222  0.0095  0.0127  7   DC  A "C1'" 
133 N  N1    . DC  A 7  ? 0.1543 0.1400 0.1362 0.0032  0.0006  0.0058  7   DC  A N1    
134 C  C2    . DC  A 7  ? 0.1522 0.1355 0.1282 -0.0131 -0.0032 0.0017  7   DC  A C2    
135 O  O2    . DC  A 7  ? 0.1368 0.1479 0.1751 -0.0016 -0.0082 0.0112  7   DC  A O2    
136 N  N3    . DC  A 7  ? 0.1365 0.1348 0.1271 -0.0134 -0.0053 0.0007  7   DC  A N3    
137 C  C4    . DC  A 7  ? 0.1733 0.1213 0.1109 -0.0146 -0.0022 -0.0126 7   DC  A C4    
138 N  N4    . DC  A 7  ? 0.1503 0.1617 0.1229 -0.0167 0.0079  -0.0096 7   DC  A N4    
139 C  C5    . DC  A 7  ? 0.1695 0.1489 0.1219 -0.0054 0.0071  0.0003  7   DC  A C5    
140 C  C6    . DC  A 7  ? 0.1673 0.1426 0.1320 0.0079  0.0034  0.0102  7   DC  A C6    
141 P  P     . DC  A 8  ? 0.2280 0.1673 0.1913 0.0433  0.0181  0.0220  8   DC  A P     
142 O  OP1   . DC  A 8  ? 0.2306 0.2839 0.2138 0.1160  0.0163  0.0100  8   DC  A OP1   
143 O  OP2   . DC  A 8  ? 0.3677 0.1321 0.2271 0.0405  0.0352  0.0114  8   DC  A OP2   
144 O  "O5'" . DC  A 8  ? 0.1883 0.1368 0.1766 0.0119  0.0153  -0.0185 8   DC  A "O5'" 
145 C  "C5'" . DC  A 8  ? 0.1502 0.1327 0.1561 -0.0066 0.0042  0.0059  8   DC  A "C5'" 
146 C  "C4'" . DC  A 8  ? 0.1682 0.1295 0.1537 0.0268  -0.0107 -0.0500 8   DC  A "C4'" 
147 O  "O4'" . DC  A 8  ? 0.1592 0.1417 0.1974 0.0247  -0.0154 -0.0651 8   DC  A "O4'" 
148 C  "C3'" . DC  A 8  ? 0.1774 0.1403 0.1739 0.0318  0.0031  -0.0221 8   DC  A "C3'" 
149 O  "O3'" . DC  A 8  ? 0.1857 0.1778 0.1764 0.0240  0.0094  -0.0460 8   DC  A "O3'" 
150 C  "C2'" . DC  A 8  ? 0.1749 0.1149 0.1599 0.0093  -0.0043 -0.0389 8   DC  A "C2'" 
151 C  "C1'" . DC  A 8  ? 0.1662 0.1234 0.1774 0.0082  -0.0101 -0.0434 8   DC  A "C1'" 
152 N  N1    . DC  A 8  ? 0.1587 0.1143 0.1417 0.0152  -0.0097 -0.0177 8   DC  A N1    
153 C  C2    . DC  A 8  ? 0.1538 0.1094 0.1246 0.0010  -0.0143 -0.0341 8   DC  A C2    
154 O  O2    . DC  A 8  ? 0.1574 0.1187 0.1373 0.0085  -0.0104 -0.0191 8   DC  A O2    
155 N  N3    . DC  A 8  ? 0.1535 0.1003 0.1237 0.0076  -0.0173 -0.0255 8   DC  A N3    
156 C  C4    . DC  A 8  ? 0.1776 0.1129 0.1295 0.0200  -0.0173 -0.0222 8   DC  A C4    
157 N  N4    . DC  A 8  ? 0.1872 0.1419 0.1304 0.0015  0.0000  -0.0176 8   DC  A N4    
158 C  C5    . DC  A 8  ? 0.1961 0.1117 0.1547 0.0134  -0.0229 -0.0214 8   DC  A C5    
159 C  C6    . DC  A 8  ? 0.1718 0.1200 0.1629 0.0231  -0.0009 -0.0185 8   DC  A C6    
160 P  P     . DG  A 9  ? 0.2274 0.2338 0.2104 0.0687  0.0157  -0.0702 9   DG  A P     
161 O  OP1   . DG  A 9  ? 0.2249 0.3528 0.2440 0.0212  0.0745  -0.1006 9   DG  A OP1   
162 O  OP2   . DG  A 9  ? 0.3087 0.2007 0.2686 0.0970  -0.0028 -0.0835 9   DG  A OP2   
163 O  "O5'" . DG  A 9  ? 0.2417 0.1798 0.1936 0.0279  0.0207  -0.0636 9   DG  A "O5'" 
164 C  "C5'" . DG  A 9  ? 0.2251 0.2133 0.1847 0.0085  -0.0008 -0.0278 9   DG  A "C5'" 
165 C  "C4'" . DG  A 9  ? 0.2598 0.2510 0.1746 -0.0370 0.0001  -0.0425 9   DG  A "C4'" 
166 O  "O4'" . DG  A 9  ? 0.2143 0.1874 0.1816 -0.0051 -0.0019 -0.0280 9   DG  A "O4'" 
167 C  "C3'" . DG  A 9  ? 0.3302 0.2843 0.1327 -0.0458 -0.0027 -0.0987 9   DG  A "C3'" 
168 O  "O3'" . DG  A 9  ? 0.4723 0.3775 0.1768 -0.0719 -0.0058 -0.0808 9   DG  A "O3'" 
169 C  "C2'" . DG  A 9  ? 0.3029 0.1836 0.1898 -0.0245 0.0109  -0.0808 9   DG  A "C2'" 
170 C  "C1'" . DG  A 9  ? 0.2499 0.2128 0.1665 -0.0501 -0.0078 -0.0469 9   DG  A "C1'" 
171 N  N9    . DG  A 9  ? 0.2152 0.1721 0.1644 -0.0123 -0.0278 -0.0371 9   DG  A N9    
172 C  C8    . DG  A 9  ? 0.2514 0.1632 0.1704 0.0195  -0.0224 -0.0359 9   DG  A C8    
173 N  N7    . DG  A 9  ? 0.2346 0.1716 0.1670 0.0250  -0.0393 -0.0149 9   DG  A N7    
174 C  C5    . DG  A 9  ? 0.2235 0.1459 0.1539 -0.0128 -0.0321 -0.0393 9   DG  A C5    
175 C  C6    . DG  A 9  ? 0.2396 0.1489 0.1263 0.0013  -0.0238 -0.0173 9   DG  A C6    
176 O  O6    . DG  A 9  ? 0.2349 0.1473 0.1427 0.0160  -0.0163 -0.0147 9   DG  A O6    
177 N  N1    . DG  A 9  ? 0.1964 0.1313 0.1387 -0.0278 -0.0326 -0.0154 9   DG  A N1    
178 C  C2    . DG  A 9  ? 0.1739 0.1317 0.1509 -0.0341 -0.0297 -0.0091 9   DG  A C2    
179 N  N2    . DG  A 9  ? 0.1887 0.1460 0.1422 -0.0412 -0.0401 0.0042  9   DG  A N2    
180 N  N3    . DG  A 9  ? 0.2029 0.1507 0.1468 -0.0311 -0.0371 -0.0216 9   DG  A N3    
181 C  C4    . DG  A 9  ? 0.2015 0.1718 0.1454 -0.0246 -0.0310 -0.0383 9   DG  A C4    
182 P  P     . DA  A 10 ? 0.6514 0.3749 0.2394 -0.1029 -0.0026 -0.0737 10  DA  A P     
183 O  OP1   . DA  A 10 ? 0.4610 0.3296 0.2149 -0.0761 0.0614  -0.0686 10  DA  A OP1   
184 O  OP2   . DA  A 10 ? 0.5278 0.4424 0.2658 -0.0943 -0.0581 -0.0775 10  DA  A OP2   
185 O  "O5'" . DA  A 10 ? 0.5171 0.3754 0.2552 -0.0453 0.0649  -0.0816 10  DA  A "O5'" 
186 C  "C5'" . DA  A 10 ? 0.4986 0.3550 0.2444 -0.0566 0.0072  -0.0486 10  DA  A "C5'" 
187 C  "C4'" . DA  A 10 ? 0.3981 0.2960 0.2065 -0.0297 0.0686  -0.0833 10  DA  A "C4'" 
188 O  "O4'" . DA  A 10 ? 0.3409 0.2778 0.2117 -0.0277 0.0207  -0.0688 10  DA  A "O4'" 
189 C  "C3'" . DA  A 10 ? 0.4767 0.3278 0.3265 0.0081  0.0398  -0.0529 10  DA  A "C3'" 
190 O  "O3'" . DA  A 10 ? 0.5899 0.3222 0.3534 -0.0601 0.0962  -0.0993 10  DA  A "O3'" 
191 C  "C2'" . DA  A 10 ? 0.4983 0.3448 0.2746 0.0497  0.0416  -0.0324 10  DA  A "C2'" 
192 C  "C1'" . DA  A 10 ? 0.4189 0.2381 0.2175 0.0223  0.0605  -0.0428 10  DA  A "C1'" 
193 N  N9    . DA  A 10 ? 0.3689 0.2416 0.1830 0.0373  0.0134  -0.0374 10  DA  A N9    
194 C  C8    . DA  A 10 ? 0.3700 0.2209 0.1965 0.0613  -0.0069 -0.0279 10  DA  A C8    
195 N  N7    . DA  A 10 ? 0.2731 0.1716 0.1779 0.0059  -0.0081 -0.0423 10  DA  A N7    
196 C  C5    . DA  A 10 ? 0.2452 0.1694 0.1729 -0.0094 0.0309  -0.0338 10  DA  A C5    
197 C  C6    . DA  A 10 ? 0.2077 0.0992 0.2104 -0.0066 0.0178  -0.0341 10  DA  A C6    
198 N  N6    . DA  A 10 ? 0.1825 0.1043 0.1798 -0.0032 0.0229  -0.0316 10  DA  A N6    
199 N  N1    . DA  A 10 ? 0.1911 0.1469 0.2505 0.0048  0.0290  -0.0553 10  DA  A N1    
200 C  C2    . DA  A 10 ? 0.2530 0.1635 0.2615 0.0073  0.0320  -0.0472 10  DA  A C2    
201 N  N3    . DA  A 10 ? 0.2680 0.1863 0.2727 0.0189  0.0645  -0.0456 10  DA  A N3    
202 C  C4    . DA  A 10 ? 0.3049 0.1346 0.2503 -0.0055 0.0595  -0.0307 10  DA  A C4    
203 RU RU    . RKL B .  ? 0.1505 0.1016 0.1157 -0.0080 -0.0119 -0.0144 11  RKL A RU    
204 C  C1    . RKL B .  ? 0.1537 0.0973 0.1610 -0.0220 -0.0236 -0.0187 11  RKL A C1    
205 N  N1    . RKL B .  ? 0.1694 0.1026 0.1135 -0.0181 -0.0168 -0.0150 11  RKL A N1    
206 C  C2    . RKL B .  ? 0.1341 0.1399 0.1498 -0.0057 0.0016  -0.0268 11  RKL A C2    
207 N  N2    . RKL B .  ? 0.1355 0.1011 0.1491 0.0017  -0.0044 -0.0178 11  RKL A N2    
208 C  C3    . RKL B .  ? 0.1593 0.1646 0.1658 0.0104  -0.0030 0.0148  11  RKL A C3    
209 N  N3    . RKL B .  ? 0.1834 0.1175 0.2047 0.0077  -0.0405 -0.0214 11  RKL A N3    
210 C  C4    . RKL B .  ? 0.1661 0.1362 0.1747 -0.0221 -0.0046 -0.0188 11  RKL A C4    
211 N  N4    . RKL B .  ? 0.2206 0.1153 0.1688 0.0077  -0.0398 0.0023  11  RKL A N4    
212 C  C5    . RKL B .  ? 0.1527 0.1211 0.1672 -0.0095 -0.0227 -0.0047 11  RKL A C5    
213 N  N5    . RKL B .  ? 0.2046 0.1055 0.1193 -0.0024 -0.0191 -0.0193 11  RKL A N5    
214 C  C6    . RKL B .  ? 0.1605 0.1230 0.1723 -0.0001 -0.0259 -0.0166 11  RKL A C6    
215 N  N6    . RKL B .  ? 0.2353 0.1442 0.1816 -0.0327 -0.0648 -0.0076 11  RKL A N6    
216 C  C7    . RKL B .  ? 0.1891 0.1023 0.1401 -0.0009 -0.0339 -0.0254 11  RKL A C7    
217 N  N7    . RKL B .  ? 0.2413 0.1216 0.1125 0.0349  0.0015  -0.0069 11  RKL A N7    
218 C  C8    . RKL B .  ? 0.1666 0.1027 0.1439 -0.0163 -0.0264 -0.0093 11  RKL A C8    
219 N  N8    . RKL B .  ? 0.1939 0.0865 0.1122 0.0129  0.0104  -0.0144 11  RKL A N8    
220 C  C9    . RKL B .  ? 0.1818 0.1070 0.1377 -0.0174 -0.0279 -0.0199 11  RKL A C9    
221 N  N9    . RKL B .  ? 0.1542 0.0867 0.1121 0.0045  0.0011  -0.0311 11  RKL A N9    
222 C  C10   . RKL B .  ? 0.1588 0.0976 0.1427 -0.0213 -0.0262 -0.0143 11  RKL A C10   
223 N  N10   . RKL B .  ? 0.1346 0.1033 0.1343 -0.0070 -0.0016 -0.0328 11  RKL A N10   
224 C  C11   . RKL B .  ? 0.1692 0.1294 0.1245 -0.0149 -0.0111 -0.0153 11  RKL A C11   
225 N  N11   . RKL B .  ? 0.1506 0.1005 0.1323 0.0082  0.0116  -0.0148 11  RKL A N11   
226 C  C12   . RKL B .  ? 0.1782 0.1181 0.1007 -0.0199 -0.0094 -0.0190 11  RKL A C12   
227 N  N12   . RKL B .  ? 0.1629 0.1172 0.0928 0.0044  -0.0161 -0.0176 11  RKL A N12   
228 C  C13   . RKL B .  ? 0.2309 0.1090 0.2172 0.0185  -0.0457 0.0025  11  RKL A C13   
229 C  C14   . RKL B .  ? 0.3113 0.1417 0.2545 0.0455  -0.0768 0.0303  11  RKL A C14   
230 C  C15   . RKL B .  ? 0.1881 0.1156 0.2273 0.0065  -0.0409 0.0069  11  RKL A C15   
231 C  C16   . RKL B .  ? 0.2409 0.1472 0.2965 0.0207  -0.0742 0.0067  11  RKL A C16   
232 C  C17   . RKL B .  ? 0.2695 0.1682 0.2722 0.0412  -0.0446 0.0106  11  RKL A C17   
233 C  C18   . RKL B .  ? 0.3255 0.1959 0.2847 0.0395  -0.0369 0.0601  11  RKL A C18   
234 C  C19   . RKL B .  ? 0.2190 0.0982 0.1017 -0.0289 -0.0362 -0.0151 11  RKL A C19   
235 C  C20   . RKL B .  ? 0.1835 0.1415 0.1879 -0.0556 -0.0534 0.0174  11  RKL A C20   
236 C  C21   . RKL B .  ? 0.1997 0.1599 0.1963 -0.0437 -0.0485 0.0035  11  RKL A C21   
237 C  C22   . RKL B .  ? 0.2604 0.1424 0.1301 0.0100  -0.0264 0.0091  11  RKL A C22   
238 C  C23   . RKL B .  ? 0.2836 0.1248 0.1426 -0.0141 -0.0136 -0.0134 11  RKL A C23   
239 C  C24   . RKL B .  ? 0.2837 0.0986 0.1118 -0.0080 -0.0150 -0.0238 11  RKL A C24   
240 C  C25   . RKL B .  ? 0.2202 0.1192 0.1323 0.0099  -0.0036 -0.0111 11  RKL A C25   
241 C  C26   . RKL B .  ? 0.2355 0.0814 0.1111 0.0141  -0.0016 -0.0127 11  RKL A C26   
242 C  C27   . RKL B .  ? 0.1954 0.1419 0.1052 0.0248  -0.0004 -0.0094 11  RKL A C27   
243 C  C28   . RKL B .  ? 0.1692 0.1382 0.1218 0.0049  0.0155  -0.0051 11  RKL A C28   
244 C  C29   . RKL B .  ? 0.1282 0.0992 0.1307 0.0140  0.0089  -0.0260 11  RKL A C29   
245 C  C30   . RKL B .  ? 0.1421 0.0906 0.1352 -0.0072 0.0008  -0.0251 11  RKL A C30   
246 C  C31   . RKL B .  ? 0.1410 0.1092 0.1352 -0.0009 -0.0001 -0.0289 11  RKL A C31   
247 C  C32   . RKL B .  ? 0.1334 0.1001 0.1314 0.0189  0.0041  -0.0164 11  RKL A C32   
248 C  C33   . RKL B .  ? 0.1305 0.1121 0.1187 0.0200  0.0035  -0.0386 11  RKL A C33   
249 C  C34   . RKL B .  ? 0.1377 0.1080 0.1165 0.0225  -0.0026 -0.0209 11  RKL A C34   
250 C  C35   . RKL B .  ? 0.1376 0.0970 0.1046 0.0173  0.0019  -0.0347 11  RKL A C35   
251 C  C36   . RKL B .  ? 0.1341 0.0987 0.1172 0.0102  -0.0037 -0.0184 11  RKL A C36   
252 C  C37   . RKL B .  ? 0.1599 0.1035 0.1266 0.0097  -0.0011 -0.0131 11  RKL A C37   
253 C  C38   . RKL B .  ? 0.1634 0.0876 0.1261 -0.0087 0.0108  0.0138  11  RKL A C38   
254 BA BA    . BA  C .  ? 0.1496 0.1143 0.1192 0.0184  0.0070  -0.0174 12  BA  A BA    
255 O  O     . HOH D .  ? 0.1606 0.1284 0.1635 -0.0056 -0.0175 -0.0165 13  HOH A O     
256 O  O     . HOH D .  ? 0.1535 0.1520 0.1420 0.0188  -0.0101 -0.0308 14  HOH A O     
257 O  O     . HOH D .  ? 0.3016 0.2470 0.4166 0.0298  -0.0474 0.0248  15  HOH A O     
258 O  O     . HOH D .  ? 0.2242 0.1642 0.2015 -0.0100 0.0219  -0.0084 16  HOH A O     
259 O  O     . HOH D .  ? 0.1830 0.1365 0.0921 0.0448  -0.0047 -0.0318 17  HOH A O     
260 O  O     . HOH D .  ? 0.4143 0.2208 0.3012 -0.0126 0.0039  -0.0237 18  HOH A O     
261 O  O     . HOH D .  ? 0.2518 0.4651 0.3478 -0.0267 0.0155  -0.0642 19  HOH A O     
262 O  O     . HOH D .  ? 0.3958 0.3931 0.2364 -0.0199 -0.0459 0.0739  20  HOH A O     
263 O  O     . HOH D .  ? 0.3781 0.2453 0.3019 -0.0281 -0.0192 -0.0469 21  HOH A O     
264 O  O     . HOH D .  ? 0.3980 0.3849 0.2687 0.0007  -0.0262 0.0141  22  HOH A O     
265 O  O     . HOH D .  ? 0.5507 0.4246 0.3415 -0.0338 0.0229  0.1288  23  HOH A O     
266 O  O     . HOH D .  ? 0.2512 0.3338 0.2786 0.0135  0.0047  0.0332  24  HOH A O     
267 O  O     . HOH D .  ? 0.2521 0.2417 0.4029 -0.0390 -0.0976 0.1125  25  HOH A O     
268 O  O     . HOH D .  ? 0.3326 0.4682 0.3918 0.0784  0.0571  0.1238  26  HOH A O     
269 O  O     . HOH D .  ? 0.3366 0.2955 0.2336 -0.1440 0.0321  -0.0085 27  HOH A O     
270 O  O     . HOH D .  ? 0.4570 0.3382 0.4230 0.0349  0.2028  -0.0898 28  HOH A O     
271 O  O     . HOH D .  ? 0.4560 0.3468 0.3485 -0.1211 0.0350  0.1194  29  HOH A O     
272 O  O     . HOH D .  ? 0.1412 0.1372 0.1715 -0.0055 -0.0226 0.0114  30  HOH A O     
273 O  O     . HOH D .  ? 0.6985 0.4154 0.2114 -0.1306 -0.0622 -0.0078 31  HOH A O     
274 O  O     . HOH D .  ? 0.3090 0.4383 0.4040 0.0562  0.0664  0.0063  32  HOH A O     
275 O  O     . HOH D .  ? 0.3199 0.1945 0.3513 0.0438  -0.1588 -0.0911 33  HOH A O     
276 O  O     . HOH D .  ? 0.3411 0.5528 0.4890 -0.0735 0.1360  0.0748  34  HOH A O     
277 O  O     . HOH D .  ? 0.3336 0.2668 0.1744 -0.1080 0.1058  -0.1006 35  HOH A O     
278 O  O     . HOH D .  ? 0.4834 0.2293 0.2225 0.0056  -0.0238 0.0398  36  HOH A O     
279 O  O     . HOH D .  ? 0.3247 0.2593 0.2612 -0.0164 -0.0064 0.0027  37  HOH A O     
280 O  O     . HOH D .  ? 0.3406 0.4357 0.6516 -0.0248 -0.0509 0.0024  38  HOH A O     
281 O  O     . HOH D .  ? 0.4672 0.1016 0.2313 0.0291  -0.0768 -0.0105 39  HOH A O     
282 O  O     . HOH D .  ? 0.4680 0.5718 0.4000 -0.0487 -0.0153 -0.0293 40  HOH A O     
283 O  O     . HOH D .  ? 0.2284 0.2278 0.2105 -0.0405 -0.0348 0.0536  41  HOH A O     
284 O  O     . HOH D .  ? 0.1735 0.1461 0.1509 0.0318  0.0021  -0.0211 42  HOH A O     
285 O  O     . HOH D .  ? 0.3518 0.4165 0.3436 -0.0905 0.0039  -0.0279 43  HOH A O     
286 O  O     . HOH D .  ? 0.5333 0.3401 0.5252 -0.0847 -0.0084 0.1226  44  HOH A O     
287 O  O     . HOH D .  ? 0.3140 0.2940 0.5445 0.0051  0.0578  0.1146  46  HOH A O     
288 O  O     . HOH D .  ? 0.3839 0.2187 0.2404 -0.0120 0.0711  -0.0066 51  HOH A O     
289 O  O     . HOH D .  ? 0.3978 0.2260 0.2504 -0.0253 0.0158  0.0430  53  HOH A O     
290 O  O     . HOH D .  ? 0.1568 0.2375 0.1352 -0.0301 -0.0036 0.0258  55  HOH A O     
291 O  O     . HOH D .  ? 0.3932 0.3003 0.3475 0.0190  0.0090  0.0374  56  HOH A O     
292 O  O     . HOH D .  ? 0.1985 0.1942 0.2403 -0.0304 -0.0040 -0.0284 57  HOH A O     
293 O  O     . HOH D .  ? 0.2097 0.2130 0.1876 -0.0140 -0.0088 0.0040  58  HOH A O     
294 O  O     . HOH D .  ? 0.1850 0.1221 0.1424 -0.0050 -0.0062 -0.0189 59  HOH A O     
295 O  O     . HOH D .  ? 0.5233 0.2148 0.2631 0.0048  -0.0622 -0.0144 61  HOH A O     
296 O  O     . HOH D .  ? 0.5472 0.3360 0.2618 0.1800  -0.0235 0.0262  63  HOH A O     
297 O  O     . HOH D .  ? 0.2313 0.2065 0.2789 -0.0538 -0.0210 -0.0297 68  HOH A O     
298 O  O     . HOH D .  ? 0.2699 0.3112 0.2999 0.0354  -0.0008 0.0650  69  HOH A O     
299 O  O     . HOH D .  ? 0.5573 0.3269 0.2531 0.0544  -0.0178 -0.0490 74  HOH A O     
300 O  O     . HOH D .  ? 0.2169 0.2772 0.2474 -0.0653 -0.0041 0.0222  75  HOH A O     
301 O  O     . HOH D .  ? 0.2508 0.3159 0.2404 -0.0353 -0.0167 0.0073  76  HOH A O     
302 O  O     . HOH D .  ? 0.1859 0.1392 0.1781 -0.0261 -0.0295 -0.0004 77  HOH A O     
303 O  O     . HOH D .  ? 0.1838 0.1568 0.2163 -0.0271 -0.0177 -0.0221 78  HOH A O     
304 O  O     . HOH D .  ? 0.2196 0.2696 0.3795 -0.0469 -0.0591 0.0520  79  HOH A O     
305 O  O     . HOH D .  ? 0.3157 0.1704 0.2308 0.0341  0.0622  0.0162  80  HOH A O     
306 O  O     . HOH D .  ? 0.2811 0.2693 0.2808 0.0242  -0.0427 -0.0248 81  HOH A O     
307 O  O     . HOH D .  ? 0.2626 0.1944 0.2161 -0.0531 -0.0729 0.0121  82  HOH A O     
308 O  O     . HOH D .  ? 0.4723 0.2007 0.2456 0.0429  0.0865  0.0013  83  HOH A O     
309 O  O     . HOH D .  ? 0.4184 0.1943 0.2746 0.0175  0.0338  -0.0139 86  HOH A O     
310 O  O     . HOH D .  ? 0.3901 0.2057 0.3484 0.0472  -0.0201 -0.0529 89  HOH A O     
311 O  O     . HOH D .  ? 0.2431 0.4082 0.3794 -0.0265 0.0595  0.0195  95  HOH A O     
312 O  O     . HOH D .  ? 0.2577 0.2523 0.3172 -0.0349 0.0306  0.0283  114 HOH A O     
313 O  O     . HOH D .  ? 0.2767 0.6555 0.2827 -0.1180 -0.0037 -0.0998 122 HOH A O     
314 O  O     . HOH D .  ? 0.4882 0.3621 0.2909 -0.1272 0.0307  -0.0079 123 HOH A O     
315 O  O     . HOH D .  ? 0.3735 0.4362 0.3661 0.0882  -0.0550 -0.1198 124 HOH A O     
316 O  O     . HOH D .  ? 0.3791 0.5539 0.2560 0.0002  -0.0259 -0.0338 125 HOH A O     
317 O  O     . HOH D .  ? 0.3340 0.5776 0.2283 0.1101  -0.0198 0.0068  136 HOH A O     
318 O  O     . HOH D .  ? 0.3465 0.2797 0.2009 0.1538  0.0687  0.0553  138 HOH A O     
# 
loop_
_pdbx_poly_seq_scheme.asym_id 
_pdbx_poly_seq_scheme.entity_id 
_pdbx_poly_seq_scheme.seq_id 
_pdbx_poly_seq_scheme.mon_id 
_pdbx_poly_seq_scheme.ndb_seq_num 
_pdbx_poly_seq_scheme.pdb_seq_num 
_pdbx_poly_seq_scheme.auth_seq_num 
_pdbx_poly_seq_scheme.pdb_mon_id 
_pdbx_poly_seq_scheme.auth_mon_id 
_pdbx_poly_seq_scheme.pdb_strand_id 
_pdbx_poly_seq_scheme.pdb_ins_code 
_pdbx_poly_seq_scheme.hetero 
A 1 1  DT 1  1  1  DT DT A . n 
A 1 2  DC 2  2  2  DC DC A . n 
A 1 3  DG 3  3  3  DG DG A . n 
A 1 4  DG 4  4  4  DG DG A . n 
A 1 5  DC 5  5  5  DC DC A . n 
A 1 6  DG 6  6  6  DG DG A . n 
A 1 7  DC 7  7  7  DC DC A . n 
A 1 8  DC 8  8  8  DC DC A . n 
A 1 9  DG 9  9  9  DG DG A . n 
A 1 10 DA 10 10 10 DA DA A . n 
# 
loop_
_pdbx_nonpoly_scheme.asym_id 
_pdbx_nonpoly_scheme.entity_id 
_pdbx_nonpoly_scheme.mon_id 
_pdbx_nonpoly_scheme.ndb_seq_num 
_pdbx_nonpoly_scheme.pdb_seq_num 
_pdbx_nonpoly_scheme.auth_seq_num 
_pdbx_nonpoly_scheme.pdb_mon_id 
_pdbx_nonpoly_scheme.auth_mon_id 
_pdbx_nonpoly_scheme.pdb_strand_id 
_pdbx_nonpoly_scheme.pdb_ins_code 
B 2 RKL 1  11  11  RKL RKL A . 
C 3 BA  1  12  12  BA  BA  A . 
D 4 HOH 1  13  13  HOH HOH A . 
D 4 HOH 2  14  14  HOH HOH A . 
D 4 HOH 3  15  15  HOH HOH A . 
D 4 HOH 4  16  16  HOH HOH A . 
D 4 HOH 5  17  17  HOH HOH A . 
D 4 HOH 6  18  18  HOH HOH A . 
D 4 HOH 7  19  19  HOH HOH A . 
D 4 HOH 8  20  20  HOH HOH A . 
D 4 HOH 9  21  21  HOH HOH A . 
D 4 HOH 10 22  22  HOH HOH A . 
D 4 HOH 11 23  23  HOH HOH A . 
D 4 HOH 12 24  24  HOH HOH A . 
D 4 HOH 13 25  25  HOH HOH A . 
D 4 HOH 14 26  26  HOH HOH A . 
D 4 HOH 15 27  27  HOH HOH A . 
D 4 HOH 16 28  28  HOH HOH A . 
D 4 HOH 17 29  29  HOH HOH A . 
D 4 HOH 18 30  30  HOH HOH A . 
D 4 HOH 19 31  31  HOH HOH A . 
D 4 HOH 20 32  32  HOH HOH A . 
D 4 HOH 21 33  33  HOH HOH A . 
D 4 HOH 22 34  34  HOH HOH A . 
D 4 HOH 23 35  35  HOH HOH A . 
D 4 HOH 24 36  36  HOH HOH A . 
D 4 HOH 25 37  37  HOH HOH A . 
D 4 HOH 26 38  38  HOH HOH A . 
D 4 HOH 27 39  39  HOH HOH A . 
D 4 HOH 28 40  40  HOH HOH A . 
D 4 HOH 29 41  41  HOH HOH A . 
D 4 HOH 30 42  42  HOH HOH A . 
D 4 HOH 31 43  43  HOH HOH A . 
D 4 HOH 32 44  44  HOH HOH A . 
D 4 HOH 33 46  46  HOH HOH A . 
D 4 HOH 34 51  51  HOH HOH A . 
D 4 HOH 35 53  53  HOH HOH A . 
D 4 HOH 36 55  55  HOH HOH A . 
D 4 HOH 37 56  56  HOH HOH A . 
D 4 HOH 38 57  57  HOH HOH A . 
D 4 HOH 39 58  58  HOH HOH A . 
D 4 HOH 40 59  59  HOH HOH A . 
D 4 HOH 41 61  61  HOH HOH A . 
D 4 HOH 42 63  63  HOH HOH A . 
D 4 HOH 43 68  68  HOH HOH A . 
D 4 HOH 44 69  69  HOH HOH A . 
D 4 HOH 45 74  74  HOH HOH A . 
D 4 HOH 46 75  75  HOH HOH A . 
D 4 HOH 47 76  76  HOH HOH A . 
D 4 HOH 48 77  77  HOH HOH A . 
D 4 HOH 49 78  78  HOH HOH A . 
D 4 HOH 50 79  79  HOH HOH A . 
D 4 HOH 51 80  80  HOH HOH A . 
D 4 HOH 52 81  81  HOH HOH A . 
D 4 HOH 53 82  82  HOH HOH A . 
D 4 HOH 54 83  83  HOH HOH A . 
D 4 HOH 55 86  86  HOH HOH A . 
D 4 HOH 56 89  89  HOH HOH A . 
D 4 HOH 57 95  95  HOH HOH A . 
D 4 HOH 58 114 114 HOH HOH A . 
D 4 HOH 59 122 122 HOH HOH A . 
D 4 HOH 60 123 123 HOH HOH A . 
D 4 HOH 61 124 124 HOH HOH A . 
D 4 HOH 62 125 125 HOH HOH A . 
D 4 HOH 63 136 136 HOH HOH A . 
D 4 HOH 64 138 138 HOH HOH A . 
# 
_pdbx_struct_assembly.id                   1 
_pdbx_struct_assembly.details              author_and_software_defined_assembly 
_pdbx_struct_assembly.method_details       PISA 
_pdbx_struct_assembly.oligomeric_details   dimeric 
_pdbx_struct_assembly.oligomeric_count     2 
# 
_pdbx_struct_assembly_gen.assembly_id       1 
_pdbx_struct_assembly_gen.oper_expression   1,2 
_pdbx_struct_assembly_gen.asym_id_list      A,B,C,D 
# 
loop_
_pdbx_struct_assembly_prop.biol_id 
_pdbx_struct_assembly_prop.type 
_pdbx_struct_assembly_prop.value 
_pdbx_struct_assembly_prop.details 
1 'ABSA (A^2)' 760  ? 
1 MORE         -4   ? 
1 'SSA (A^2)'  4250 ? 
# 
loop_
_pdbx_struct_oper_list.id 
_pdbx_struct_oper_list.type 
_pdbx_struct_oper_list.name 
_pdbx_struct_oper_list.symmetry_operation 
_pdbx_struct_oper_list.matrix[1][1] 
_pdbx_struct_oper_list.matrix[1][2] 
_pdbx_struct_oper_list.matrix[1][3] 
_pdbx_struct_oper_list.vector[1] 
_pdbx_struct_oper_list.matrix[2][1] 
_pdbx_struct_oper_list.matrix[2][2] 
_pdbx_struct_oper_list.matrix[2][3] 
_pdbx_struct_oper_list.vector[2] 
_pdbx_struct_oper_list.matrix[3][1] 
_pdbx_struct_oper_list.matrix[3][2] 
_pdbx_struct_oper_list.matrix[3][3] 
_pdbx_struct_oper_list.vector[3] 
1 'identity operation'         1_555 x,y,z  1.0000000000 0.0000000000  0.0000000000 0.0000000000 0.0000000000  1.0000000000  0.0000000000  0.0000000000  0.0000000000 0.0000000000  1.0000000000  0.0000000000  
2 'crystal symmetry operation' 7_555 y,x,-z 0.7668439768 -0.3739055697 0.5216751290 1.1458727148 -0.3739055697 -0.9208728236 -0.1103986763 -5.4734728610 0.5216751290 -0.1103986763 -0.8459711532 -7.8039762023 
# 
loop_
_pdbx_struct_conn_angle.id 
_pdbx_struct_conn_angle.ptnr1_label_atom_id 
_pdbx_struct_conn_angle.ptnr1_label_alt_id 
_pdbx_struct_conn_angle.ptnr1_label_asym_id 
_pdbx_struct_conn_angle.ptnr1_label_comp_id 
_pdbx_struct_conn_angle.ptnr1_label_seq_id 
_pdbx_struct_conn_angle.ptnr1_auth_atom_id 
_pdbx_struct_conn_angle.ptnr1_auth_asym_id 
_pdbx_struct_conn_angle.ptnr1_auth_comp_id 
_pdbx_struct_conn_angle.ptnr1_auth_seq_id 
_pdbx_struct_conn_angle.ptnr1_PDB_ins_code 
_pdbx_struct_conn_angle.ptnr1_symmetry 
_pdbx_struct_conn_angle.ptnr2_label_atom_id 
_pdbx_struct_conn_angle.ptnr2_label_alt_id 
_pdbx_struct_conn_angle.ptnr2_label_asym_id 
_pdbx_struct_conn_angle.ptnr2_label_comp_id 
_pdbx_struct_conn_angle.ptnr2_label_seq_id 
_pdbx_struct_conn_angle.ptnr2_auth_atom_id 
_pdbx_struct_conn_angle.ptnr2_auth_asym_id 
_pdbx_struct_conn_angle.ptnr2_auth_comp_id 
_pdbx_struct_conn_angle.ptnr2_auth_seq_id 
_pdbx_struct_conn_angle.ptnr2_PDB_ins_code 
_pdbx_struct_conn_angle.ptnr2_symmetry 
_pdbx_struct_conn_angle.ptnr3_label_atom_id 
_pdbx_struct_conn_angle.ptnr3_label_alt_id 
_pdbx_struct_conn_angle.ptnr3_label_asym_id 
_pdbx_struct_conn_angle.ptnr3_label_comp_id 
_pdbx_struct_conn_angle.ptnr3_label_seq_id 
_pdbx_struct_conn_angle.ptnr3_auth_atom_id 
_pdbx_struct_conn_angle.ptnr3_auth_asym_id 
_pdbx_struct_conn_angle.ptnr3_auth_comp_id 
_pdbx_struct_conn_angle.ptnr3_auth_seq_id 
_pdbx_struct_conn_angle.ptnr3_PDB_ins_code 
_pdbx_struct_conn_angle.ptnr3_symmetry 
_pdbx_struct_conn_angle.value 
_pdbx_struct_conn_angle.value_esd 
1  N7 ? A DG  3 ? A DG  3  ? 1_555 BA ? C BA . ? A BA 12 ? 1_555 O6 ? A DG  4 ? A DG  4   ? 1_555 73.5  ? 
2  N7 ? A DG  3 ? A DG  3  ? 1_555 BA ? C BA . ? A BA 12 ? 1_555 O  ? D HOH . ? A HOH 14  ? 1_555 76.4  ? 
3  O6 ? A DG  4 ? A DG  4  ? 1_555 BA ? C BA . ? A BA 12 ? 1_555 O  ? D HOH . ? A HOH 14  ? 1_555 127.0 ? 
4  N7 ? A DG  3 ? A DG  3  ? 1_555 BA ? C BA . ? A BA 12 ? 1_555 O  ? D HOH . ? A HOH 35  ? 1_555 134.2 ? 
5  O6 ? A DG  4 ? A DG  4  ? 1_555 BA ? C BA . ? A BA 12 ? 1_555 O  ? D HOH . ? A HOH 35  ? 1_555 107.6 ? 
6  O  ? D HOH . ? A HOH 14 ? 1_555 BA ? C BA . ? A BA 12 ? 1_555 O  ? D HOH . ? A HOH 35  ? 1_555 66.9  ? 
7  N7 ? A DG  3 ? A DG  3  ? 1_555 BA ? C BA . ? A BA 12 ? 1_555 O  ? D HOH . ? A HOH 42  ? 1_555 73.2  ? 
8  O6 ? A DG  4 ? A DG  4  ? 1_555 BA ? C BA . ? A BA 12 ? 1_555 O  ? D HOH . ? A HOH 42  ? 1_555 138.0 ? 
9  O  ? D HOH . ? A HOH 14 ? 1_555 BA ? C BA . ? A BA 12 ? 1_555 O  ? D HOH . ? A HOH 42  ? 1_555 67.3  ? 
10 O  ? D HOH . ? A HOH 35 ? 1_555 BA ? C BA . ? A BA 12 ? 1_555 O  ? D HOH . ? A HOH 42  ? 1_555 113.8 ? 
11 N7 ? A DG  3 ? A DG  3  ? 1_555 BA ? C BA . ? A BA 12 ? 1_555 O  ? D HOH . ? A HOH 55  ? 1_555 137.2 ? 
12 O6 ? A DG  4 ? A DG  4  ? 1_555 BA ? C BA . ? A BA 12 ? 1_555 O  ? D HOH . ? A HOH 55  ? 1_555 64.4  ? 
13 O  ? D HOH . ? A HOH 14 ? 1_555 BA ? C BA . ? A BA 12 ? 1_555 O  ? D HOH . ? A HOH 55  ? 1_555 136.4 ? 
14 O  ? D HOH . ? A HOH 35 ? 1_555 BA ? C BA . ? A BA 12 ? 1_555 O  ? D HOH . ? A HOH 55  ? 1_555 69.6  ? 
15 O  ? D HOH . ? A HOH 42 ? 1_555 BA ? C BA . ? A BA 12 ? 1_555 O  ? D HOH . ? A HOH 55  ? 1_555 137.3 ? 
16 N7 ? A DG  3 ? A DG  3  ? 1_555 BA ? C BA . ? A BA 12 ? 1_555 O  ? D HOH . ? A HOH 59  ? 1_555 75.9  ? 
17 O6 ? A DG  4 ? A DG  4  ? 1_555 BA ? C BA . ? A BA 12 ? 1_555 O  ? D HOH . ? A HOH 59  ? 1_555 71.3  ? 
18 O  ? D HOH . ? A HOH 14 ? 1_555 BA ? C BA . ? A BA 12 ? 1_555 O  ? D HOH . ? A HOH 59  ? 1_555 139.3 ? 
19 O  ? D HOH . ? A HOH 35 ? 1_555 BA ? C BA . ? A BA 12 ? 1_555 O  ? D HOH . ? A HOH 59  ? 1_555 149.3 ? 
20 O  ? D HOH . ? A HOH 42 ? 1_555 BA ? C BA . ? A BA 12 ? 1_555 O  ? D HOH . ? A HOH 59  ? 1_555 76.4  ? 
21 O  ? D HOH . ? A HOH 55 ? 1_555 BA ? C BA . ? A BA 12 ? 1_555 O  ? D HOH . ? A HOH 59  ? 1_555 83.4  ? 
22 N7 ? A DG  3 ? A DG  3  ? 1_555 BA ? C BA . ? A BA 12 ? 1_555 O  ? D HOH . ? A HOH 138 ? 1_555 140.3 ? 
23 O6 ? A DG  4 ? A DG  4  ? 1_555 BA ? C BA . ? A BA 12 ? 1_555 O  ? D HOH . ? A HOH 138 ? 1_555 125.0 ? 
24 O  ? D HOH . ? A HOH 14 ? 1_555 BA ? C BA . ? A BA 12 ? 1_555 O  ? D HOH . ? A HOH 138 ? 1_555 106.0 ? 
25 O  ? D HOH . ? A HOH 35 ? 1_555 BA ? C BA . ? A BA 12 ? 1_555 O  ? D HOH . ? A HOH 138 ? 1_555 78.0  ? 
26 O  ? D HOH . ? A HOH 42 ? 1_555 BA ? C BA . ? A BA 12 ? 1_555 O  ? D HOH . ? A HOH 138 ? 1_555 71.8  ? 
27 O  ? D HOH . ? A HOH 55 ? 1_555 BA ? C BA . ? A BA 12 ? 1_555 O  ? D HOH . ? A HOH 138 ? 1_555 67.5  ? 
28 O  ? D HOH . ? A HOH 59 ? 1_555 BA ? C BA . ? A BA 12 ? 1_555 O  ? D HOH . ? A HOH 138 ? 1_555 78.3  ? 
# 
loop_
_pdbx_audit_revision_history.ordinal 
_pdbx_audit_revision_history.data_content_type 
_pdbx_audit_revision_history.major_revision 
_pdbx_audit_revision_history.minor_revision 
_pdbx_audit_revision_history.revision_date 
1 'Structure model' 1 0 2011-10-19 
2 'Structure model' 1 1 2013-07-03 
3 'Structure model' 1 2 2023-11-01 
# 
_pdbx_audit_revision_details.ordinal             1 
_pdbx_audit_revision_details.revision_ordinal    1 
_pdbx_audit_revision_details.data_content_type   'Structure model' 
_pdbx_audit_revision_details.provider            repository 
_pdbx_audit_revision_details.type                'Initial release' 
_pdbx_audit_revision_details.description         ? 
_pdbx_audit_revision_details.details             ? 
# 
loop_
_pdbx_audit_revision_group.ordinal 
_pdbx_audit_revision_group.revision_ordinal 
_pdbx_audit_revision_group.data_content_type 
_pdbx_audit_revision_group.group 
1 2 'Structure model' 'Database references'    
2 3 'Structure model' 'Data collection'        
3 3 'Structure model' 'Database references'    
4 3 'Structure model' 'Derived calculations'   
5 3 'Structure model' 'Refinement description' 
# 
loop_
_pdbx_audit_revision_category.ordinal 
_pdbx_audit_revision_category.revision_ordinal 
_pdbx_audit_revision_category.data_content_type 
_pdbx_audit_revision_category.category 
1 3 'Structure model' chem_comp_atom                
2 3 'Structure model' chem_comp_bond                
3 3 'Structure model' database_2                    
4 3 'Structure model' pdbx_initial_refinement_model 
5 3 'Structure model' pdbx_struct_conn_angle        
6 3 'Structure model' struct_conn                   
7 3 'Structure model' struct_site                   
# 
loop_
_pdbx_audit_revision_item.ordinal 
_pdbx_audit_revision_item.revision_ordinal 
_pdbx_audit_revision_item.data_content_type 
_pdbx_audit_revision_item.item 
1  3 'Structure model' '_database_2.pdbx_DOI'                        
2  3 'Structure model' '_database_2.pdbx_database_accession'         
3  3 'Structure model' '_pdbx_struct_conn_angle.ptnr1_auth_comp_id'  
4  3 'Structure model' '_pdbx_struct_conn_angle.ptnr1_auth_seq_id'   
5  3 'Structure model' '_pdbx_struct_conn_angle.ptnr1_label_asym_id' 
6  3 'Structure model' '_pdbx_struct_conn_angle.ptnr1_label_atom_id' 
7  3 'Structure model' '_pdbx_struct_conn_angle.ptnr1_label_comp_id' 
8  3 'Structure model' '_pdbx_struct_conn_angle.ptnr1_label_seq_id'  
9  3 'Structure model' '_pdbx_struct_conn_angle.ptnr3_auth_comp_id'  
10 3 'Structure model' '_pdbx_struct_conn_angle.ptnr3_auth_seq_id'   
11 3 'Structure model' '_pdbx_struct_conn_angle.ptnr3_label_asym_id' 
12 3 'Structure model' '_pdbx_struct_conn_angle.ptnr3_label_atom_id' 
13 3 'Structure model' '_pdbx_struct_conn_angle.ptnr3_label_comp_id' 
14 3 'Structure model' '_pdbx_struct_conn_angle.ptnr3_label_seq_id'  
15 3 'Structure model' '_pdbx_struct_conn_angle.value'               
16 3 'Structure model' '_struct_conn.pdbx_dist_value'                
17 3 'Structure model' '_struct_conn.ptnr1_auth_comp_id'             
18 3 'Structure model' '_struct_conn.ptnr1_auth_seq_id'              
19 3 'Structure model' '_struct_conn.ptnr1_label_asym_id'            
20 3 'Structure model' '_struct_conn.ptnr1_label_atom_id'            
21 3 'Structure model' '_struct_conn.ptnr1_label_comp_id'            
22 3 'Structure model' '_struct_conn.ptnr1_label_seq_id'             
23 3 'Structure model' '_struct_conn.ptnr2_auth_comp_id'             
24 3 'Structure model' '_struct_conn.ptnr2_auth_seq_id'              
25 3 'Structure model' '_struct_conn.ptnr2_label_asym_id'            
26 3 'Structure model' '_struct_conn.ptnr2_label_atom_id'            
27 3 'Structure model' '_struct_conn.ptnr2_label_comp_id'            
28 3 'Structure model' '_struct_site.pdbx_auth_asym_id'              
29 3 'Structure model' '_struct_site.pdbx_auth_comp_id'              
30 3 'Structure model' '_struct_site.pdbx_auth_seq_id'               
# 
loop_
_software.name 
_software.classification 
_software.version 
_software.citation_id 
_software.pdbx_ordinal 
GDA    'data collection' .        ? 1 
PHASER phasing           .        ? 2 
REFMAC refinement        5.5.0110 ? 3 
MOSFLM 'data reduction'  .        ? 4 
SCALA  'data scaling'    .        ? 5 
# 
loop_
_pdbx_validate_rmsd_bond.id 
_pdbx_validate_rmsd_bond.PDB_model_num 
_pdbx_validate_rmsd_bond.auth_atom_id_1 
_pdbx_validate_rmsd_bond.auth_asym_id_1 
_pdbx_validate_rmsd_bond.auth_comp_id_1 
_pdbx_validate_rmsd_bond.auth_seq_id_1 
_pdbx_validate_rmsd_bond.PDB_ins_code_1 
_pdbx_validate_rmsd_bond.label_alt_id_1 
_pdbx_validate_rmsd_bond.auth_atom_id_2 
_pdbx_validate_rmsd_bond.auth_asym_id_2 
_pdbx_validate_rmsd_bond.auth_comp_id_2 
_pdbx_validate_rmsd_bond.auth_seq_id_2 
_pdbx_validate_rmsd_bond.PDB_ins_code_2 
_pdbx_validate_rmsd_bond.label_alt_id_2 
_pdbx_validate_rmsd_bond.bond_value 
_pdbx_validate_rmsd_bond.bond_target_value 
_pdbx_validate_rmsd_bond.bond_deviation 
_pdbx_validate_rmsd_bond.bond_standard_deviation 
_pdbx_validate_rmsd_bond.linker_flag 
1 1 C2    A DT 1  ? ? O2    A DT 1  ? ? 1.161 1.220 -0.059 0.008 N 
2 1 C5    A DT 1  ? ? C7    A DT 1  ? ? 1.537 1.496 0.041  0.006 N 
3 1 C4    A DG 4  ? ? C5    A DG 4  ? ? 1.334 1.379 -0.045 0.007 N 
4 1 "C5'" A DC 5  ? ? "C4'" A DC 5  ? ? 1.554 1.512 0.042  0.007 N 
5 1 C5    A DC 5  ? ? C6    A DC 5  ? ? 1.399 1.339 0.060  0.008 N 
6 1 "O3'" A DA 10 ? ? "C3'" A DA 10 ? ? 1.379 1.419 -0.040 0.006 N 
7 1 N7    A DA 10 ? ? C8    A DA 10 ? ? 1.365 1.311 0.054  0.007 N 
# 
loop_
_pdbx_validate_rmsd_angle.id 
_pdbx_validate_rmsd_angle.PDB_model_num 
_pdbx_validate_rmsd_angle.auth_atom_id_1 
_pdbx_validate_rmsd_angle.auth_asym_id_1 
_pdbx_validate_rmsd_angle.auth_comp_id_1 
_pdbx_validate_rmsd_angle.auth_seq_id_1 
_pdbx_validate_rmsd_angle.PDB_ins_code_1 
_pdbx_validate_rmsd_angle.label_alt_id_1 
_pdbx_validate_rmsd_angle.auth_atom_id_2 
_pdbx_validate_rmsd_angle.auth_asym_id_2 
_pdbx_validate_rmsd_angle.auth_comp_id_2 
_pdbx_validate_rmsd_angle.auth_seq_id_2 
_pdbx_validate_rmsd_angle.PDB_ins_code_2 
_pdbx_validate_rmsd_angle.label_alt_id_2 
_pdbx_validate_rmsd_angle.auth_atom_id_3 
_pdbx_validate_rmsd_angle.auth_asym_id_3 
_pdbx_validate_rmsd_angle.auth_comp_id_3 
_pdbx_validate_rmsd_angle.auth_seq_id_3 
_pdbx_validate_rmsd_angle.PDB_ins_code_3 
_pdbx_validate_rmsd_angle.label_alt_id_3 
_pdbx_validate_rmsd_angle.angle_value 
_pdbx_validate_rmsd_angle.angle_target_value 
_pdbx_validate_rmsd_angle.angle_deviation 
_pdbx_validate_rmsd_angle.angle_standard_deviation 
_pdbx_validate_rmsd_angle.linker_flag 
1  1 "O4'" A DT 1  ? ? "C4'" A DT 1  ? ? "C3'" A DT 1  ? ? 101.16 104.50 -3.34  0.40 N 
2  1 "C3'" A DG 3  ? ? "O3'" A DG 3  ? ? P     A DG 4  ? ? 127.04 119.70 7.34   1.20 Y 
3  1 "O4'" A DC 5  ? ? "C4'" A DC 5  ? ? "C3'" A DC 5  ? ? 100.26 104.50 -4.24  0.40 N 
4  1 "C1'" A DC 5  ? ? "O4'" A DC 5  ? ? "C4'" A DC 5  ? ? 115.50 110.30 5.20   0.70 N 
5  1 N1    A DG 6  ? ? C6    A DG 6  ? ? O6    A DG 6  ? ? 115.16 119.90 -4.74  0.60 N 
6  1 "O4'" A DC 8  ? ? "C1'" A DC 8  ? ? N1    A DC 8  ? ? 103.37 108.00 -4.63  0.70 N 
7  1 N1    A DG 9  ? ? C6    A DG 9  ? ? O6    A DG 9  ? ? 115.83 119.90 -4.07  0.60 N 
8  1 "O5'" A DA 10 ? ? P     A DA 10 ? ? OP1   A DA 10 ? ? 91.14  105.70 -14.56 0.90 N 
9  1 "O5'" A DA 10 ? ? "C5'" A DA 10 ? ? "C4'" A DA 10 ? ? 102.45 109.40 -6.95  0.80 N 
10 1 P     A DA 10 ? ? "O5'" A DA 10 ? ? "C5'" A DA 10 ? ? 109.00 120.90 -11.90 1.60 N 
11 1 "C5'" A DA 10 ? ? "C4'" A DA 10 ? ? "C3'" A DA 10 ? ? 102.71 114.10 -11.39 1.80 N 
12 1 "C4'" A DA 10 ? ? "C3'" A DA 10 ? ? "C2'" A DA 10 ? ? 108.87 103.10 5.77   0.90 N 
13 1 N1    A DA 10 ? ? C2    A DA 10 ? ? N3    A DA 10 ? ? 121.65 129.30 -7.65  0.50 N 
14 1 C2    A DA 10 ? ? N3    A DA 10 ? ? C4    A DA 10 ? ? 116.84 110.60 6.24   0.50 N 
# 
_pdbx_validate_planes.id              1 
_pdbx_validate_planes.PDB_model_num   1 
_pdbx_validate_planes.auth_comp_id    DC 
_pdbx_validate_planes.auth_asym_id    A 
_pdbx_validate_planes.auth_seq_id     5 
_pdbx_validate_planes.PDB_ins_code    ? 
_pdbx_validate_planes.label_alt_id    ? 
_pdbx_validate_planes.rmsd            0.120 
_pdbx_validate_planes.type            'SIDE CHAIN' 
# 
loop_
_chem_comp_atom.comp_id 
_chem_comp_atom.atom_id 
_chem_comp_atom.type_symbol 
_chem_comp_atom.pdbx_aromatic_flag 
_chem_comp_atom.pdbx_stereo_config 
_chem_comp_atom.pdbx_ordinal 
BA  BA     BA N N 1   
DA  OP3    O  N N 2   
DA  P      P  N N 3   
DA  OP1    O  N N 4   
DA  OP2    O  N N 5   
DA  "O5'"  O  N N 6   
DA  "C5'"  C  N N 7   
DA  "C4'"  C  N R 8   
DA  "O4'"  O  N N 9   
DA  "C3'"  C  N S 10  
DA  "O3'"  O  N N 11  
DA  "C2'"  C  N N 12  
DA  "C1'"  C  N R 13  
DA  N9     N  Y N 14  
DA  C8     C  Y N 15  
DA  N7     N  Y N 16  
DA  C5     C  Y N 17  
DA  C6     C  Y N 18  
DA  N6     N  N N 19  
DA  N1     N  Y N 20  
DA  C2     C  Y N 21  
DA  N3     N  Y N 22  
DA  C4     C  Y N 23  
DA  HOP3   H  N N 24  
DA  HOP2   H  N N 25  
DA  "H5'"  H  N N 26  
DA  "H5''" H  N N 27  
DA  "H4'"  H  N N 28  
DA  "H3'"  H  N N 29  
DA  "HO3'" H  N N 30  
DA  "H2'"  H  N N 31  
DA  "H2''" H  N N 32  
DA  "H1'"  H  N N 33  
DA  H8     H  N N 34  
DA  H61    H  N N 35  
DA  H62    H  N N 36  
DA  H2     H  N N 37  
DC  OP3    O  N N 38  
DC  P      P  N N 39  
DC  OP1    O  N N 40  
DC  OP2    O  N N 41  
DC  "O5'"  O  N N 42  
DC  "C5'"  C  N N 43  
DC  "C4'"  C  N R 44  
DC  "O4'"  O  N N 45  
DC  "C3'"  C  N S 46  
DC  "O3'"  O  N N 47  
DC  "C2'"  C  N N 48  
DC  "C1'"  C  N R 49  
DC  N1     N  N N 50  
DC  C2     C  N N 51  
DC  O2     O  N N 52  
DC  N3     N  N N 53  
DC  C4     C  N N 54  
DC  N4     N  N N 55  
DC  C5     C  N N 56  
DC  C6     C  N N 57  
DC  HOP3   H  N N 58  
DC  HOP2   H  N N 59  
DC  "H5'"  H  N N 60  
DC  "H5''" H  N N 61  
DC  "H4'"  H  N N 62  
DC  "H3'"  H  N N 63  
DC  "HO3'" H  N N 64  
DC  "H2'"  H  N N 65  
DC  "H2''" H  N N 66  
DC  "H1'"  H  N N 67  
DC  H41    H  N N 68  
DC  H42    H  N N 69  
DC  H5     H  N N 70  
DC  H6     H  N N 71  
DG  OP3    O  N N 72  
DG  P      P  N N 73  
DG  OP1    O  N N 74  
DG  OP2    O  N N 75  
DG  "O5'"  O  N N 76  
DG  "C5'"  C  N N 77  
DG  "C4'"  C  N R 78  
DG  "O4'"  O  N N 79  
DG  "C3'"  C  N S 80  
DG  "O3'"  O  N N 81  
DG  "C2'"  C  N N 82  
DG  "C1'"  C  N R 83  
DG  N9     N  Y N 84  
DG  C8     C  Y N 85  
DG  N7     N  Y N 86  
DG  C5     C  Y N 87  
DG  C6     C  N N 88  
DG  O6     O  N N 89  
DG  N1     N  N N 90  
DG  C2     C  N N 91  
DG  N2     N  N N 92  
DG  N3     N  N N 93  
DG  C4     C  Y N 94  
DG  HOP3   H  N N 95  
DG  HOP2   H  N N 96  
DG  "H5'"  H  N N 97  
DG  "H5''" H  N N 98  
DG  "H4'"  H  N N 99  
DG  "H3'"  H  N N 100 
DG  "HO3'" H  N N 101 
DG  "H2'"  H  N N 102 
DG  "H2''" H  N N 103 
DG  "H1'"  H  N N 104 
DG  H8     H  N N 105 
DG  H1     H  N N 106 
DG  H21    H  N N 107 
DG  H22    H  N N 108 
DT  OP3    O  N N 109 
DT  P      P  N N 110 
DT  OP1    O  N N 111 
DT  OP2    O  N N 112 
DT  "O5'"  O  N N 113 
DT  "C5'"  C  N N 114 
DT  "C4'"  C  N R 115 
DT  "O4'"  O  N N 116 
DT  "C3'"  C  N S 117 
DT  "O3'"  O  N N 118 
DT  "C2'"  C  N N 119 
DT  "C1'"  C  N R 120 
DT  N1     N  N N 121 
DT  C2     C  N N 122 
DT  O2     O  N N 123 
DT  N3     N  N N 124 
DT  C4     C  N N 125 
DT  O4     O  N N 126 
DT  C5     C  N N 127 
DT  C7     C  N N 128 
DT  C6     C  N N 129 
DT  HOP3   H  N N 130 
DT  HOP2   H  N N 131 
DT  "H5'"  H  N N 132 
DT  "H5''" H  N N 133 
DT  "H4'"  H  N N 134 
DT  "H3'"  H  N N 135 
DT  "HO3'" H  N N 136 
DT  "H2'"  H  N N 137 
DT  "H2''" H  N N 138 
DT  "H1'"  H  N N 139 
DT  H3     H  N N 140 
DT  H71    H  N N 141 
DT  H72    H  N N 142 
DT  H73    H  N N 143 
DT  H6     H  N N 144 
HOH O      O  N N 145 
HOH H1     H  N N 146 
HOH H2     H  N N 147 
RKL RU     RU N N 148 
RKL C1     C  Y N 149 
RKL N1     N  Y N 150 
RKL C2     C  Y N 151 
RKL N2     N  Y N 152 
RKL C3     C  Y N 153 
RKL N3     N  Y N 154 
RKL C4     C  Y N 155 
RKL N4     N  Y N 156 
RKL C5     C  Y N 157 
RKL N5     N  Y N 158 
RKL C6     C  Y N 159 
RKL N6     N  Y N 160 
RKL C7     C  Y N 161 
RKL N7     N  Y N 162 
RKL C8     C  Y N 163 
RKL N8     N  Y N 164 
RKL C9     C  Y N 165 
RKL N9     N  Y N 166 
RKL C10    C  Y N 167 
RKL N10    N  Y N 168 
RKL C11    C  Y N 169 
RKL N11    N  Y N 170 
RKL C12    C  Y N 171 
RKL N12    N  Y N 172 
RKL C13    C  Y N 173 
RKL C14    C  Y N 174 
RKL C15    C  Y N 175 
RKL C16    C  Y N 176 
RKL C17    C  Y N 177 
RKL C18    C  Y N 178 
RKL C19    C  Y N 179 
RKL C20    C  Y N 180 
RKL C21    C  Y N 181 
RKL C22    C  Y N 182 
RKL C23    C  Y N 183 
RKL C24    C  Y N 184 
RKL C25    C  Y N 185 
RKL C26    C  Y N 186 
RKL C27    C  Y N 187 
RKL C28    C  Y N 188 
RKL C29    C  Y N 189 
RKL C30    C  Y N 190 
RKL C31    C  Y N 191 
RKL C32    C  Y N 192 
RKL C33    C  Y N 193 
RKL C34    C  Y N 194 
RKL C35    C  Y N 195 
RKL C36    C  Y N 196 
RKL C37    C  Y N 197 
RKL C38    C  Y N 198 
RKL H2     H  N N 199 
RKL H3     H  N N 200 
RKL H4     H  N N 201 
RKL H9     H  N N 202 
RKL H11    H  N N 203 
RKL H12    H  N N 204 
RKL H14    H  N N 205 
RKL H16    H  N N 206 
RKL H17    H  N N 207 
RKL H18    H  N N 208 
RKL H20    H  N N 209 
RKL H21    H  N N 210 
RKL H23    H  N N 211 
RKL H24    H  N N 212 
RKL H27    H  N N 213 
RKL H28    H  N N 214 
RKL H30    H  N N 215 
RKL H31    H  N N 216 
RKL H33    H  N N 217 
RKL H34    H  N N 218 
RKL H37    H  N N 219 
RKL H38    H  N N 220 
# 
loop_
_chem_comp_bond.comp_id 
_chem_comp_bond.atom_id_1 
_chem_comp_bond.atom_id_2 
_chem_comp_bond.value_order 
_chem_comp_bond.pdbx_aromatic_flag 
_chem_comp_bond.pdbx_stereo_config 
_chem_comp_bond.pdbx_ordinal 
DA  OP3   P      sing N N 1   
DA  OP3   HOP3   sing N N 2   
DA  P     OP1    doub N N 3   
DA  P     OP2    sing N N 4   
DA  P     "O5'"  sing N N 5   
DA  OP2   HOP2   sing N N 6   
DA  "O5'" "C5'"  sing N N 7   
DA  "C5'" "C4'"  sing N N 8   
DA  "C5'" "H5'"  sing N N 9   
DA  "C5'" "H5''" sing N N 10  
DA  "C4'" "O4'"  sing N N 11  
DA  "C4'" "C3'"  sing N N 12  
DA  "C4'" "H4'"  sing N N 13  
DA  "O4'" "C1'"  sing N N 14  
DA  "C3'" "O3'"  sing N N 15  
DA  "C3'" "C2'"  sing N N 16  
DA  "C3'" "H3'"  sing N N 17  
DA  "O3'" "HO3'" sing N N 18  
DA  "C2'" "C1'"  sing N N 19  
DA  "C2'" "H2'"  sing N N 20  
DA  "C2'" "H2''" sing N N 21  
DA  "C1'" N9     sing N N 22  
DA  "C1'" "H1'"  sing N N 23  
DA  N9    C8     sing Y N 24  
DA  N9    C4     sing Y N 25  
DA  C8    N7     doub Y N 26  
DA  C8    H8     sing N N 27  
DA  N7    C5     sing Y N 28  
DA  C5    C6     sing Y N 29  
DA  C5    C4     doub Y N 30  
DA  C6    N6     sing N N 31  
DA  C6    N1     doub Y N 32  
DA  N6    H61    sing N N 33  
DA  N6    H62    sing N N 34  
DA  N1    C2     sing Y N 35  
DA  C2    N3     doub Y N 36  
DA  C2    H2     sing N N 37  
DA  N3    C4     sing Y N 38  
DC  OP3   P      sing N N 39  
DC  OP3   HOP3   sing N N 40  
DC  P     OP1    doub N N 41  
DC  P     OP2    sing N N 42  
DC  P     "O5'"  sing N N 43  
DC  OP2   HOP2   sing N N 44  
DC  "O5'" "C5'"  sing N N 45  
DC  "C5'" "C4'"  sing N N 46  
DC  "C5'" "H5'"  sing N N 47  
DC  "C5'" "H5''" sing N N 48  
DC  "C4'" "O4'"  sing N N 49  
DC  "C4'" "C3'"  sing N N 50  
DC  "C4'" "H4'"  sing N N 51  
DC  "O4'" "C1'"  sing N N 52  
DC  "C3'" "O3'"  sing N N 53  
DC  "C3'" "C2'"  sing N N 54  
DC  "C3'" "H3'"  sing N N 55  
DC  "O3'" "HO3'" sing N N 56  
DC  "C2'" "C1'"  sing N N 57  
DC  "C2'" "H2'"  sing N N 58  
DC  "C2'" "H2''" sing N N 59  
DC  "C1'" N1     sing N N 60  
DC  "C1'" "H1'"  sing N N 61  
DC  N1    C2     sing N N 62  
DC  N1    C6     sing N N 63  
DC  C2    O2     doub N N 64  
DC  C2    N3     sing N N 65  
DC  N3    C4     doub N N 66  
DC  C4    N4     sing N N 67  
DC  C4    C5     sing N N 68  
DC  N4    H41    sing N N 69  
DC  N4    H42    sing N N 70  
DC  C5    C6     doub N N 71  
DC  C5    H5     sing N N 72  
DC  C6    H6     sing N N 73  
DG  OP3   P      sing N N 74  
DG  OP3   HOP3   sing N N 75  
DG  P     OP1    doub N N 76  
DG  P     OP2    sing N N 77  
DG  P     "O5'"  sing N N 78  
DG  OP2   HOP2   sing N N 79  
DG  "O5'" "C5'"  sing N N 80  
DG  "C5'" "C4'"  sing N N 81  
DG  "C5'" "H5'"  sing N N 82  
DG  "C5'" "H5''" sing N N 83  
DG  "C4'" "O4'"  sing N N 84  
DG  "C4'" "C3'"  sing N N 85  
DG  "C4'" "H4'"  sing N N 86  
DG  "O4'" "C1'"  sing N N 87  
DG  "C3'" "O3'"  sing N N 88  
DG  "C3'" "C2'"  sing N N 89  
DG  "C3'" "H3'"  sing N N 90  
DG  "O3'" "HO3'" sing N N 91  
DG  "C2'" "C1'"  sing N N 92  
DG  "C2'" "H2'"  sing N N 93  
DG  "C2'" "H2''" sing N N 94  
DG  "C1'" N9     sing N N 95  
DG  "C1'" "H1'"  sing N N 96  
DG  N9    C8     sing Y N 97  
DG  N9    C4     sing Y N 98  
DG  C8    N7     doub Y N 99  
DG  C8    H8     sing N N 100 
DG  N7    C5     sing Y N 101 
DG  C5    C6     sing N N 102 
DG  C5    C4     doub Y N 103 
DG  C6    O6     doub N N 104 
DG  C6    N1     sing N N 105 
DG  N1    C2     sing N N 106 
DG  N1    H1     sing N N 107 
DG  C2    N2     sing N N 108 
DG  C2    N3     doub N N 109 
DG  N2    H21    sing N N 110 
DG  N2    H22    sing N N 111 
DG  N3    C4     sing N N 112 
DT  OP3   P      sing N N 113 
DT  OP3   HOP3   sing N N 114 
DT  P     OP1    doub N N 115 
DT  P     OP2    sing N N 116 
DT  P     "O5'"  sing N N 117 
DT  OP2   HOP2   sing N N 118 
DT  "O5'" "C5'"  sing N N 119 
DT  "C5'" "C4'"  sing N N 120 
DT  "C5'" "H5'"  sing N N 121 
DT  "C5'" "H5''" sing N N 122 
DT  "C4'" "O4'"  sing N N 123 
DT  "C4'" "C3'"  sing N N 124 
DT  "C4'" "H4'"  sing N N 125 
DT  "O4'" "C1'"  sing N N 126 
DT  "C3'" "O3'"  sing N N 127 
DT  "C3'" "C2'"  sing N N 128 
DT  "C3'" "H3'"  sing N N 129 
DT  "O3'" "HO3'" sing N N 130 
DT  "C2'" "C1'"  sing N N 131 
DT  "C2'" "H2'"  sing N N 132 
DT  "C2'" "H2''" sing N N 133 
DT  "C1'" N1     sing N N 134 
DT  "C1'" "H1'"  sing N N 135 
DT  N1    C2     sing N N 136 
DT  N1    C6     sing N N 137 
DT  C2    O2     doub N N 138 
DT  C2    N3     sing N N 139 
DT  N3    C4     sing N N 140 
DT  N3    H3     sing N N 141 
DT  C4    O4     doub N N 142 
DT  C4    C5     sing N N 143 
DT  C5    C7     sing N N 144 
DT  C5    C6     doub N N 145 
DT  C7    H71    sing N N 146 
DT  C7    H72    sing N N 147 
DT  C7    H73    sing N N 148 
DT  C6    H6     sing N N 149 
HOH O     H1     sing N N 150 
HOH O     H2     sing N N 151 
RKL RU    N1     sing N N 152 
RKL RU    N2     sing N N 153 
RKL RU    N5     sing N N 154 
RKL RU    N8     sing N N 155 
RKL RU    N9     sing N N 156 
RKL RU    N12    sing N N 157 
RKL C1    N2     doub Y N 158 
RKL C1    C5     sing Y N 159 
RKL C1    C10    sing Y N 160 
RKL N1    C10    doub Y N 161 
RKL N1    C12    sing Y N 162 
RKL C2    N2     sing Y N 163 
RKL C2    C3     doub Y N 164 
RKL C2    H2     sing N N 165 
RKL C3    C4     sing Y N 166 
RKL C3    H3     sing N N 167 
RKL N3    C6     doub Y N 168 
RKL N3    C15    sing Y N 169 
RKL C4    C5     doub Y N 170 
RKL C4    H4     sing N N 171 
RKL N4    C7     doub Y N 172 
RKL N4    C13    sing Y N 173 
RKL C5    C6     sing Y N 174 
RKL N5    C19    doub Y N 175 
RKL N5    C20    sing Y N 176 
RKL C6    C7     sing Y N 177 
RKL N6    C21    sing Y N 178 
RKL N6    C22    doub Y N 179 
RKL C7    C8     sing Y N 180 
RKL N7    C25    doub Y N 181 
RKL N7    C27    sing Y N 182 
RKL C8    C9     doub Y N 183 
RKL C8    C10    sing Y N 184 
RKL N8    C26    doub Y N 185 
RKL N8    C28    sing Y N 186 
RKL C9    C11    sing Y N 187 
RKL C9    H9     sing N N 188 
RKL N9    C29    doub Y N 189 
RKL N9    C30    sing Y N 190 
RKL N10   C31    sing Y N 191 
RKL N10   C32    doub Y N 192 
RKL C11   C12    doub Y N 193 
RKL C11   H11    sing N N 194 
RKL N11   C35    doub Y N 195 
RKL N11   C37    sing Y N 196 
RKL C12   H12    sing N N 197 
RKL N12   C36    doub Y N 198 
RKL N12   C38    sing Y N 199 
RKL C13   C14    sing Y N 200 
RKL C13   C15    doub Y N 201 
RKL C14   C18    doub Y N 202 
RKL C14   H14    sing N N 203 
RKL C15   C16    sing Y N 204 
RKL C16   C17    doub Y N 205 
RKL C16   H16    sing N N 206 
RKL C17   C18    sing Y N 207 
RKL C17   H17    sing N N 208 
RKL C18   H18    sing N N 209 
RKL C19   C22    sing Y N 210 
RKL C19   C26    sing Y N 211 
RKL C20   C21    doub Y N 212 
RKL C20   H20    sing N N 213 
RKL C21   H21    sing N N 214 
RKL C22   C23    sing Y N 215 
RKL C23   C24    doub Y N 216 
RKL C23   H23    sing N N 217 
RKL C24   C25    sing Y N 218 
RKL C24   H24    sing N N 219 
RKL C25   C26    sing Y N 220 
RKL C27   C28    doub Y N 221 
RKL C27   H27    sing N N 222 
RKL C28   H28    sing N N 223 
RKL C29   C32    sing Y N 224 
RKL C29   C36    sing Y N 225 
RKL C30   C31    doub Y N 226 
RKL C30   H30    sing N N 227 
RKL C31   H31    sing N N 228 
RKL C32   C33    sing Y N 229 
RKL C33   C34    doub Y N 230 
RKL C33   H33    sing N N 231 
RKL C34   C35    sing Y N 232 
RKL C34   H34    sing N N 233 
RKL C35   C36    sing Y N 234 
RKL C37   C38    doub Y N 235 
RKL C37   H37    sing N N 236 
RKL C38   H38    sing N N 237 
# 
_ndb_struct_conf_na.entry_id   3QRN 
_ndb_struct_conf_na.feature    'b-form double helix' 
# 
loop_
_ndb_struct_na_base_pair.model_number 
_ndb_struct_na_base_pair.i_label_asym_id 
_ndb_struct_na_base_pair.i_label_comp_id 
_ndb_struct_na_base_pair.i_label_seq_id 
_ndb_struct_na_base_pair.i_symmetry 
_ndb_struct_na_base_pair.j_label_asym_id 
_ndb_struct_na_base_pair.j_label_comp_id 
_ndb_struct_na_base_pair.j_label_seq_id 
_ndb_struct_na_base_pair.j_symmetry 
_ndb_struct_na_base_pair.shear 
_ndb_struct_na_base_pair.stretch 
_ndb_struct_na_base_pair.stagger 
_ndb_struct_na_base_pair.buckle 
_ndb_struct_na_base_pair.propeller 
_ndb_struct_na_base_pair.opening 
_ndb_struct_na_base_pair.pair_number 
_ndb_struct_na_base_pair.pair_name 
_ndb_struct_na_base_pair.i_auth_asym_id 
_ndb_struct_na_base_pair.i_auth_seq_id 
_ndb_struct_na_base_pair.i_PDB_ins_code 
_ndb_struct_na_base_pair.j_auth_asym_id 
_ndb_struct_na_base_pair.j_auth_seq_id 
_ndb_struct_na_base_pair.j_PDB_ins_code 
_ndb_struct_na_base_pair.hbond_type_28 
_ndb_struct_na_base_pair.hbond_type_12 
1 A DC 2 1_555 A DG 9 7_555 0.111  -0.091 0.266  -11.924 7.153  1.453  1 A_DC2:DG9_A A 2 ? A 9 ? 19 1 
1 A DG 3 1_555 A DC 8 7_555 -0.223 -0.040 0.122  23.545  -5.232 0.082  2 A_DG3:DC8_A A 3 ? A 8 ? 19 1 
1 A DG 4 1_555 A DC 7 7_555 -0.203 -0.154 -0.069 -9.426  1.452  -1.482 3 A_DG4:DC7_A A 4 ? A 7 ? 19 1 
1 A DC 5 1_555 A DG 6 7_555 0.206  -0.075 0.243  -4.047  -5.463 0.355  4 A_DC5:DG6_A A 5 ? A 6 ? 19 1 
1 A DG 6 1_555 A DC 5 7_555 -0.206 -0.075 0.243  4.048   -5.464 0.355  5 A_DG6:DC5_A A 6 ? A 5 ? 19 1 
1 A DC 7 1_555 A DG 4 7_555 0.203  -0.154 -0.069 9.426   1.452  -1.482 6 A_DC7:DG4_A A 7 ? A 4 ? 19 1 
1 A DC 8 1_555 A DG 3 7_555 0.223  -0.040 0.122  -23.545 -5.232 0.082  7 A_DC8:DG3_A A 8 ? A 3 ? 19 1 
1 A DG 9 1_555 A DC 2 7_555 -0.111 -0.091 0.266  11.924  7.153  1.453  8 A_DG9:DC2_A A 9 ? A 2 ? 19 1 
# 
loop_
_ndb_struct_na_base_pair_step.model_number 
_ndb_struct_na_base_pair_step.i_label_asym_id_1 
_ndb_struct_na_base_pair_step.i_label_comp_id_1 
_ndb_struct_na_base_pair_step.i_label_seq_id_1 
_ndb_struct_na_base_pair_step.i_symmetry_1 
_ndb_struct_na_base_pair_step.j_label_asym_id_1 
_ndb_struct_na_base_pair_step.j_label_comp_id_1 
_ndb_struct_na_base_pair_step.j_label_seq_id_1 
_ndb_struct_na_base_pair_step.j_symmetry_1 
_ndb_struct_na_base_pair_step.i_label_asym_id_2 
_ndb_struct_na_base_pair_step.i_label_comp_id_2 
_ndb_struct_na_base_pair_step.i_label_seq_id_2 
_ndb_struct_na_base_pair_step.i_symmetry_2 
_ndb_struct_na_base_pair_step.j_label_asym_id_2 
_ndb_struct_na_base_pair_step.j_label_comp_id_2 
_ndb_struct_na_base_pair_step.j_label_seq_id_2 
_ndb_struct_na_base_pair_step.j_symmetry_2 
_ndb_struct_na_base_pair_step.shift 
_ndb_struct_na_base_pair_step.slide 
_ndb_struct_na_base_pair_step.rise 
_ndb_struct_na_base_pair_step.tilt 
_ndb_struct_na_base_pair_step.roll 
_ndb_struct_na_base_pair_step.twist 
_ndb_struct_na_base_pair_step.x_displacement 
_ndb_struct_na_base_pair_step.y_displacement 
_ndb_struct_na_base_pair_step.helical_rise 
_ndb_struct_na_base_pair_step.inclination 
_ndb_struct_na_base_pair_step.tip 
_ndb_struct_na_base_pair_step.helical_twist 
_ndb_struct_na_base_pair_step.step_number 
_ndb_struct_na_base_pair_step.step_name 
_ndb_struct_na_base_pair_step.i_auth_asym_id_1 
_ndb_struct_na_base_pair_step.i_auth_seq_id_1 
_ndb_struct_na_base_pair_step.i_PDB_ins_code_1 
_ndb_struct_na_base_pair_step.j_auth_asym_id_1 
_ndb_struct_na_base_pair_step.j_auth_seq_id_1 
_ndb_struct_na_base_pair_step.j_PDB_ins_code_1 
_ndb_struct_na_base_pair_step.i_auth_asym_id_2 
_ndb_struct_na_base_pair_step.i_auth_seq_id_2 
_ndb_struct_na_base_pair_step.i_PDB_ins_code_2 
_ndb_struct_na_base_pair_step.j_auth_asym_id_2 
_ndb_struct_na_base_pair_step.j_auth_seq_id_2 
_ndb_struct_na_base_pair_step.j_PDB_ins_code_2 
1 A DC 2 1_555 A DG 9 7_555 A DG 3 1_555 A DC 8 7_555 -0.527 1.695 2.601 2.625  3.738  19.398 3.436  2.552  2.779 10.898 -7.654 
19.923 1 AA_DC2DG3:DC8DG9_AA A 2 ? A 9 ? A 3 ? A 8 ? 
1 A DG 3 1_555 A DC 8 7_555 A DG 4 1_555 A DC 7 7_555 -0.134 0.858 5.207 -2.938 50.859 15.128 -5.286 -0.210 2.362 74.429 4.299  
52.999 2 AA_DG3DG4:DC7DC8_AA A 3 ? A 8 ? A 4 ? A 7 ? 
1 A DG 4 1_555 A DC 7 7_555 A DC 5 1_555 A DG 6 7_555 -0.826 0.130 3.217 -2.948 -2.987 38.661 0.555  0.886  3.250 -4.495 4.436  
38.880 3 AA_DG4DC5:DG6DC7_AA A 4 ? A 7 ? A 5 ? A 6 ? 
1 A DC 5 1_555 A DG 6 7_555 A DG 6 1_555 A DC 5 7_555 0.000  0.779 3.333 0.000  22.842 27.801 -2.396 0.000  3.089 40.061 0.000  
35.838 4 AA_DC5DG6:DC5DG6_AA A 5 ? A 6 ? A 6 ? A 5 ? 
1 A DG 6 1_555 A DC 5 7_555 A DC 7 1_555 A DG 4 7_555 0.826  0.130 3.217 2.948  -2.987 38.661 0.555  -0.886 3.250 -4.495 -4.436 
38.880 5 AA_DG6DC7:DG4DC5_AA A 6 ? A 5 ? A 7 ? A 4 ? 
1 A DC 7 1_555 A DG 4 7_555 A DC 8 1_555 A DG 3 7_555 0.134  0.858 5.207 2.938  50.859 15.128 -5.286 0.210  2.362 74.429 -4.299 
52.998 6 AA_DC7DC8:DG3DG4_AA A 7 ? A 4 ? A 8 ? A 3 ? 
1 A DC 8 1_555 A DG 3 7_555 A DG 9 1_555 A DC 2 7_555 0.527  1.695 2.601 -2.625 3.738  19.398 3.436  -2.552 2.779 10.898 7.654  
19.923 7 AA_DC8DG9:DC2DG3_AA A 8 ? A 3 ? A 9 ? A 2 ? 
# 
loop_
_pdbx_entity_nonpoly.entity_id 
_pdbx_entity_nonpoly.name 
_pdbx_entity_nonpoly.comp_id 
2 'Ru(tap)2(dppz) complex' RKL 
3 'BARIUM ION'             BA  
4 water                    HOH 
# 
_pdbx_initial_refinement_model.id               1 
_pdbx_initial_refinement_model.entity_id_list   ? 
_pdbx_initial_refinement_model.type             'experimental model' 
_pdbx_initial_refinement_model.source_name      PDB 
_pdbx_initial_refinement_model.accession_code   3QF8 
_pdbx_initial_refinement_model.details          ? 
# 
